data_6O4J
# 
_entry.id   6O4J 
# 
_audit_conform.dict_name       mmcif_pdbx.dic 
_audit_conform.dict_version    5.397 
_audit_conform.dict_location   http://mmcif.pdb.org/dictionaries/ascii/mmcif_pdbx.dic 
# 
loop_
_database_2.database_id 
_database_2.database_code 
_database_2.pdbx_database_accession 
_database_2.pdbx_DOI 
PDB   6O4J         pdb_00006o4j 10.2210/pdb6o4j/pdb 
WWPDB D_1000239957 ?            ?                   
EMDB  EMD-0619     ?            ?                   
# 
loop_
_pdbx_audit_revision_history.ordinal 
_pdbx_audit_revision_history.data_content_type 
_pdbx_audit_revision_history.major_revision 
_pdbx_audit_revision_history.minor_revision 
_pdbx_audit_revision_history.revision_date 
1 'Structure model' 1 0 2019-10-30 
2 'Structure model' 1 1 2019-12-18 
3 'Structure model' 1 2 2023-10-11 
4 'Structure model' 1 3 2024-10-23 
# 
_pdbx_audit_revision_details.ordinal             1 
_pdbx_audit_revision_details.revision_ordinal    1 
_pdbx_audit_revision_details.data_content_type   'Structure model' 
_pdbx_audit_revision_details.provider            repository 
_pdbx_audit_revision_details.type                'Initial release' 
_pdbx_audit_revision_details.description         ? 
_pdbx_audit_revision_details.details             ? 
# 
loop_
_pdbx_audit_revision_group.ordinal 
_pdbx_audit_revision_group.revision_ordinal 
_pdbx_audit_revision_group.data_content_type 
_pdbx_audit_revision_group.group 
1 2 'Structure model' 'Author supporting evidence' 
2 3 'Structure model' 'Data collection'            
3 3 'Structure model' 'Database references'        
4 3 'Structure model' 'Refinement description'     
5 4 'Structure model' 'Data collection'            
6 4 'Structure model' 'Structure summary'          
# 
loop_
_pdbx_audit_revision_category.ordinal 
_pdbx_audit_revision_category.revision_ordinal 
_pdbx_audit_revision_category.data_content_type 
_pdbx_audit_revision_category.category 
1  2 'Structure model' pdbx_audit_support            
2  3 'Structure model' chem_comp_atom                
3  3 'Structure model' chem_comp_bond                
4  3 'Structure model' database_2                    
5  3 'Structure model' em_3d_fitting_list            
6  3 'Structure model' pdbx_initial_refinement_model 
7  3 'Structure model' struct_ncs_dom_lim            
8  4 'Structure model' em_admin                      
9  4 'Structure model' pdbx_entry_details            
10 4 'Structure model' pdbx_modification_feature     
# 
loop_
_pdbx_audit_revision_item.ordinal 
_pdbx_audit_revision_item.revision_ordinal 
_pdbx_audit_revision_item.data_content_type 
_pdbx_audit_revision_item.item 
1  2 'Structure model' '_pdbx_audit_support.funding_organization'        
2  3 'Structure model' '_database_2.pdbx_DOI'                            
3  3 'Structure model' '_database_2.pdbx_database_accession'             
4  3 'Structure model' '_em_3d_fitting_list.accession_code'              
5  3 'Structure model' '_em_3d_fitting_list.initial_refinement_model_id' 
6  3 'Structure model' '_em_3d_fitting_list.source_name'                 
7  3 'Structure model' '_em_3d_fitting_list.type'                        
8  3 'Structure model' '_struct_ncs_dom_lim.beg_auth_comp_id'            
9  3 'Structure model' '_struct_ncs_dom_lim.beg_label_asym_id'           
10 3 'Structure model' '_struct_ncs_dom_lim.beg_label_comp_id'           
11 3 'Structure model' '_struct_ncs_dom_lim.beg_label_seq_id'            
12 3 'Structure model' '_struct_ncs_dom_lim.end_auth_comp_id'            
13 3 'Structure model' '_struct_ncs_dom_lim.end_label_asym_id'           
14 3 'Structure model' '_struct_ncs_dom_lim.end_label_comp_id'           
15 3 'Structure model' '_struct_ncs_dom_lim.end_label_seq_id'            
16 4 'Structure model' '_em_admin.last_update'                           
# 
_pdbx_database_status.status_code                     REL 
_pdbx_database_status.status_code_sf                  REL 
_pdbx_database_status.status_code_mr                  ? 
_pdbx_database_status.entry_id                        6O4J 
_pdbx_database_status.recvd_initial_deposition_date   2019-02-28 
_pdbx_database_status.SG_entry                        N 
_pdbx_database_status.deposit_site                    RCSB 
_pdbx_database_status.process_site                    RCSB 
_pdbx_database_status.status_code_cs                  ? 
_pdbx_database_status.methods_development_category    ? 
_pdbx_database_status.pdb_format_compatible           Y 
_pdbx_database_status.status_code_nmr_data            ? 
# 
_pdbx_database_related.db_name        EMDB 
_pdbx_database_related.details        'Amyloid Beta KLVFFAENVGS 16-26 D23N Iowa mutation' 
_pdbx_database_related.db_id          EMD-0619 
_pdbx_database_related.content_type   'associated EM volume' 
# 
loop_
_audit_author.name 
_audit_author.pdbx_ordinal 
_audit_author.identifier_ORCID 
'Griner, S.L.'    1 0000-0002-4500-2419 
'Sawaya, M.R.'    2 0000-0003-0874-9043 
'Rodriguez, J.A.' 3 0000-0001-8471-2504 
'Cascio, D.'      4 0000-0002-3877-6803 
'Gonen, T.'       5 0000-0002-9254-4069 
# 
_citation.abstract                  ? 
_citation.abstract_id_CAS           ? 
_citation.book_id_ISBN              ? 
_citation.book_publisher            ? 
_citation.book_publisher_city       ? 
_citation.book_title                ? 
_citation.coordinate_linkage        ? 
_citation.country                   US 
_citation.database_id_Medline       ? 
_citation.details                   ? 
_citation.id                        primary 
_citation.journal_abbrev            Elife 
_citation.journal_id_ASTM           ? 
_citation.journal_id_CSD            ? 
_citation.journal_id_ISSN           2050-084X 
_citation.journal_full              ? 
_citation.journal_issue             ? 
_citation.journal_volume            8 
_citation.language                  ? 
_citation.page_first                ? 
_citation.page_last                 ? 
_citation.title                     'Structure based inhibitors of Amyloid Beta core suggest a common interface with Tau.' 
_citation.year                      2019 
_citation.database_id_CSD           ? 
_citation.pdbx_database_id_DOI      10.7554/eLife.46924 
_citation.pdbx_database_id_PubMed   31612856 
_citation.unpublished_flag          ? 
# 
loop_
_citation_author.citation_id 
_citation_author.name 
_citation_author.ordinal 
_citation_author.identifier_ORCID 
primary 'Griner, S.L.'    1  ?                   
primary 'Seidler, P.'     2  ?                   
primary 'Bowler, J.'      3  ?                   
primary 'Murray, K.A.'    4  ?                   
primary 'Yang, T.P.'      5  0000-0002-4479-5154 
primary 'Sahay, S.'       6  ?                   
primary 'Sawaya, M.R.'    7  ?                   
primary 'Cascio, D.'      8  ?                   
primary 'Rodriguez, J.A.' 9  ?                   
primary 'Philipp, S.'     10 ?                   
primary 'Sosna, J.'       11 ?                   
primary 'Glabe, C.G.'     12 ?                   
primary 'Gonen, T.'       13 0000-0002-9254-4069 
primary 'Eisenberg, D.S.' 14 0000-0003-2432-5419 
# 
_entity.id                         1 
_entity.type                       polymer 
_entity.src_method                 syn 
_entity.pdbx_description           'Amyloid-beta precursor protein' 
_entity.formula_weight             1235.432 
_entity.pdbx_number_of_molecules   2 
_entity.pdbx_ec                    ? 
_entity.pdbx_mutation              D23N 
_entity.pdbx_fragment              'UNP residues 687-697' 
_entity.details                    ? 
# 
_entity_name_com.entity_id   1 
_entity_name_com.name        
;APP, ABPP, APPI, Alzheimer disease amyloid protein, Amyloid precursor protein, Amyloid-beta A4 protein, Cerebral vascular amyloid peptide, CVAP, PreA4, Protease nexin-II, PN-II
;
# 
_entity_poly.entity_id                      1 
_entity_poly.type                           'polypeptide(L)' 
_entity_poly.nstd_linkage                   no 
_entity_poly.nstd_monomer                   yes 
_entity_poly.pdbx_seq_one_letter_code       '(ACE)KLVFFAENVGS(NH2)' 
_entity_poly.pdbx_seq_one_letter_code_can   XKLVFFAENVGSX 
_entity_poly.pdbx_strand_id                 A,B 
_entity_poly.pdbx_target_identifier         ? 
# 
loop_
_entity_poly_seq.entity_id 
_entity_poly_seq.num 
_entity_poly_seq.mon_id 
_entity_poly_seq.hetero 
1 1  ACE n 
1 2  LYS n 
1 3  LEU n 
1 4  VAL n 
1 5  PHE n 
1 6  PHE n 
1 7  ALA n 
1 8  GLU n 
1 9  ASN n 
1 10 VAL n 
1 11 GLY n 
1 12 SER n 
1 13 NH2 n 
# 
_pdbx_entity_src_syn.entity_id              1 
_pdbx_entity_src_syn.pdbx_src_id            1 
_pdbx_entity_src_syn.pdbx_alt_source_flag   sample 
_pdbx_entity_src_syn.pdbx_beg_seq_num       1 
_pdbx_entity_src_syn.pdbx_end_seq_num       13 
_pdbx_entity_src_syn.organism_scientific    'Homo sapiens' 
_pdbx_entity_src_syn.organism_common_name   Human 
_pdbx_entity_src_syn.ncbi_taxonomy_id       9606 
_pdbx_entity_src_syn.details                ? 
# 
loop_
_chem_comp.id 
_chem_comp.type 
_chem_comp.mon_nstd_flag 
_chem_comp.name 
_chem_comp.pdbx_synonyms 
_chem_comp.formula 
_chem_comp.formula_weight 
ACE non-polymer         . 'ACETYL GROUP'  ? 'C2 H4 O'        44.053  
ALA 'L-peptide linking' y ALANINE         ? 'C3 H7 N O2'     89.093  
ASN 'L-peptide linking' y ASPARAGINE      ? 'C4 H8 N2 O3'    132.118 
ASP 'L-peptide linking' y 'ASPARTIC ACID' ? 'C4 H7 N O4'     133.103 
GLU 'L-peptide linking' y 'GLUTAMIC ACID' ? 'C5 H9 N O4'     147.129 
GLY 'peptide linking'   y GLYCINE         ? 'C2 H5 N O2'     75.067  
LEU 'L-peptide linking' y LEUCINE         ? 'C6 H13 N O2'    131.173 
LYS 'L-peptide linking' y LYSINE          ? 'C6 H15 N2 O2 1' 147.195 
NH2 non-polymer         . 'AMINO GROUP'   ? 'H2 N'           16.023  
PHE 'L-peptide linking' y PHENYLALANINE   ? 'C9 H11 N O2'    165.189 
SER 'L-peptide linking' y SERINE          ? 'C3 H7 N O3'     105.093 
VAL 'L-peptide linking' y VALINE          ? 'C5 H11 N O2'    117.146 
# 
loop_
_pdbx_poly_seq_scheme.asym_id 
_pdbx_poly_seq_scheme.entity_id 
_pdbx_poly_seq_scheme.seq_id 
_pdbx_poly_seq_scheme.mon_id 
_pdbx_poly_seq_scheme.ndb_seq_num 
_pdbx_poly_seq_scheme.pdb_seq_num 
_pdbx_poly_seq_scheme.auth_seq_num 
_pdbx_poly_seq_scheme.pdb_mon_id 
_pdbx_poly_seq_scheme.auth_mon_id 
_pdbx_poly_seq_scheme.pdb_strand_id 
_pdbx_poly_seq_scheme.pdb_ins_code 
_pdbx_poly_seq_scheme.hetero 
A 1 1  ACE 1  15 15 ACE ACE A . n 
A 1 2  LYS 2  16 16 LYS LYS A . n 
A 1 3  LEU 3  17 17 LEU LEU A . n 
A 1 4  VAL 4  18 18 VAL VAL A . n 
A 1 5  PHE 5  19 19 PHE PHE A . n 
A 1 6  PHE 6  20 20 PHE PHE A . n 
A 1 7  ALA 7  21 21 ALA ALA A . n 
A 1 8  GLU 8  22 22 GLU GLU A . n 
A 1 9  ASN 9  23 23 ASN ASN A . n 
A 1 10 VAL 10 24 24 VAL VAL A . n 
A 1 11 GLY 11 25 25 GLY GLY A . n 
A 1 12 SER 12 26 26 SER SER A . n 
A 1 13 NH2 13 27 27 NH2 NH2 A . n 
B 1 1  ACE 1  15 15 ACE ACE B . n 
B 1 2  LYS 2  16 16 LYS LYS B . n 
B 1 3  LEU 3  17 17 LEU LEU B . n 
B 1 4  VAL 4  18 18 VAL VAL B . n 
B 1 5  PHE 5  19 19 PHE PHE B . n 
B 1 6  PHE 6  20 20 PHE PHE B . n 
B 1 7  ALA 7  21 21 ALA ALA B . n 
B 1 8  GLU 8  22 22 GLU GLU B . n 
B 1 9  ASN 9  23 23 ASN ASN B . n 
B 1 10 VAL 10 24 24 VAL VAL B . n 
B 1 11 GLY 11 25 25 GLY GLY B . n 
B 1 12 SER 12 26 26 SER SER B . n 
B 1 13 NH2 13 27 27 NH2 NH2 B . n 
# 
loop_
_software.citation_id 
_software.classification 
_software.compiler_name 
_software.compiler_version 
_software.contact_author 
_software.contact_author_email 
_software.date 
_software.description 
_software.dependencies 
_software.hardware 
_software.language 
_software.location 
_software.mods 
_software.name 
_software.os 
_software.os_version 
_software.type 
_software.version 
_software.pdbx_ordinal 
? 'data reduction'  ? ? 'Wolfgang Kabsch' Wolfgang.Kabsch@mpimf-heidelberg.mpg.de ?              ? ? ? ?   
http://www.mpimf-heidelberg.mpg.de/~kabsch/xds/                             ? XDS         ? ? package .    1 
? 'data scaling'    ? ? 'Wolfgang Kabsch' ?                                       ?              ? ? ? ?   
http://www.mpimf-heidelberg.mpg.de/~kabsch/xds/html_doc/xscale_program.html ? XSCALE      ? ? package .    2 
? refinement        ? ? 'Paul D. Adams'   PDAdams@lbl.gov                         ?              ? ? ? C++ 
http://www.phenix-online.org/                                               ? PHENIX      ? ? package .    3 
? 'data extraction' ? ? PDB               deposit@deposit.rcsb.org                'Sep. 1, 2017' ? ? ? C++ 
http://sw-tools.pdb.org/apps/PDB_EXTRACT/                                   ? PDB_EXTRACT ? ? package 3.24 4 
? phasing           ? ? ?                 ?                                       ?              ? ? ? ?   ? ? PHASER      ? ? ? . 
5 
# 
_cell.angle_alpha                  90.000 
_cell.angle_alpha_esd              ? 
_cell.angle_beta                   114.180 
_cell.angle_beta_esd               ? 
_cell.angle_gamma                  90.000 
_cell.angle_gamma_esd              ? 
_cell.entry_id                     6O4J 
_cell.details                      ? 
_cell.formula_units_Z              ? 
_cell.length_a                     11.670 
_cell.length_a_esd                 ? 
_cell.length_b                     51.910 
_cell.length_b_esd                 ? 
_cell.length_c                     12.760 
_cell.length_c_esd                 ? 
_cell.volume                       ? 
_cell.volume_esd                   ? 
_cell.Z_PDB                        4 
_cell.reciprocal_angle_alpha       ? 
_cell.reciprocal_angle_beta        ? 
_cell.reciprocal_angle_gamma       ? 
_cell.reciprocal_angle_alpha_esd   ? 
_cell.reciprocal_angle_beta_esd    ? 
_cell.reciprocal_angle_gamma_esd   ? 
_cell.reciprocal_length_a          ? 
_cell.reciprocal_length_b          ? 
_cell.reciprocal_length_c          ? 
_cell.reciprocal_length_a_esd      ? 
_cell.reciprocal_length_b_esd      ? 
_cell.reciprocal_length_c_esd      ? 
_cell.pdbx_unique_axis             ? 
# 
_symmetry.entry_id                         6O4J 
_symmetry.cell_setting                     ? 
_symmetry.Int_Tables_number                4 
_symmetry.space_group_name_Hall            ? 
_symmetry.space_group_name_H-M             'P 1 21 1' 
_symmetry.pdbx_full_space_group_name_H-M   ? 
# 
_exptl.absorpt_coefficient_mu     ? 
_exptl.absorpt_correction_T_max   ? 
_exptl.absorpt_correction_T_min   ? 
_exptl.absorpt_correction_type    ? 
_exptl.absorpt_process_details    ? 
_exptl.entry_id                   6O4J 
_exptl.crystals_number            1 
_exptl.details                    ? 
_exptl.method                     'ELECTRON CRYSTALLOGRAPHY' 
_exptl.method_details             ? 
# 
_exptl_crystal.colour                      ? 
_exptl_crystal.density_diffrn              ? 
_exptl_crystal.density_Matthews            1.43 
_exptl_crystal.density_method              ? 
_exptl_crystal.density_percent_sol         ? 
_exptl_crystal.description                 ? 
_exptl_crystal.F_000                       ? 
_exptl_crystal.id                          1 
_exptl_crystal.preparation                 ? 
_exptl_crystal.size_max                    ? 
_exptl_crystal.size_mid                    ? 
_exptl_crystal.size_min                    ? 
_exptl_crystal.size_rad                    ? 
_exptl_crystal.colour_lustre               ? 
_exptl_crystal.colour_modifier             ? 
_exptl_crystal.colour_primary              ? 
_exptl_crystal.density_meas                ? 
_exptl_crystal.density_meas_esd            ? 
_exptl_crystal.density_meas_gt             ? 
_exptl_crystal.density_meas_lt             ? 
_exptl_crystal.density_meas_temp           ? 
_exptl_crystal.density_meas_temp_esd       ? 
_exptl_crystal.density_meas_temp_gt        ? 
_exptl_crystal.density_meas_temp_lt        ? 
_exptl_crystal.pdbx_crystal_image_url      ? 
_exptl_crystal.pdbx_crystal_image_format   ? 
_exptl_crystal.pdbx_mosaicity              ? 
_exptl_crystal.pdbx_mosaicity_esd          ? 
# 
_exptl_crystal_grow.apparatus       ? 
_exptl_crystal_grow.atmosphere      ? 
_exptl_crystal_grow.crystal_id      1 
_exptl_crystal_grow.details         ? 
_exptl_crystal_grow.method          UNSPECIFIED 
_exptl_crystal_grow.method_ref      ? 
_exptl_crystal_grow.pH              ? 
_exptl_crystal_grow.pdbx_details    ? 
_exptl_crystal_grow.pdbx_pH_range   ? 
_exptl_crystal_grow.pressure        ? 
_exptl_crystal_grow.pressure_esd    ? 
_exptl_crystal_grow.seeding         ? 
_exptl_crystal_grow.seeding_ref     ? 
_exptl_crystal_grow.temp            ? 
_exptl_crystal_grow.temp_details    ? 
_exptl_crystal_grow.temp_esd        ? 
_exptl_crystal_grow.time            ? 
# 
_diffrn.ambient_environment              ? 
_diffrn.ambient_pressure                 ? 
_diffrn.ambient_pressure_esd             ? 
_diffrn.ambient_pressure_gt              ? 
_diffrn.ambient_pressure_lt              ? 
_diffrn.ambient_temp                     ? 
_diffrn.ambient_temp_details             ? 
_diffrn.ambient_temp_esd                 ? 
_diffrn.ambient_temp_gt                  ? 
_diffrn.ambient_temp_lt                  ? 
_diffrn.crystal_id                       1 
_diffrn.crystal_support                  ? 
_diffrn.crystal_treatment                ? 
_diffrn.details                          ? 
_diffrn.id                               1 
_diffrn.pdbx_serial_crystal_experiment   ? 
# 
_diffrn_detector.area_resol_mean              ? 
_diffrn_detector.details                      ? 
_diffrn_detector.detector                     ? 
_diffrn_detector.diffrn_id                    1 
_diffrn_detector.dtime                        ? 
_diffrn_detector.pdbx_collection_date         2014-11-07 
_diffrn_detector.pdbx_collection_time_total   ? 
_diffrn_detector.pdbx_frames_total            ? 
_diffrn_detector.pdbx_frequency               ? 
_diffrn_detector.type                         ? 
# 
_diffrn_radiation.collimation                      ? 
_diffrn_radiation.diffrn_id                        1 
_diffrn_radiation.filter_edge                      ? 
_diffrn_radiation.inhomogeneity                    ? 
_diffrn_radiation.monochromator                    ? 
_diffrn_radiation.polarisn_norm                    ? 
_diffrn_radiation.polarisn_ratio                   ? 
_diffrn_radiation.probe                            ? 
_diffrn_radiation.type                             ? 
_diffrn_radiation.xray_symbol                      ? 
_diffrn_radiation.wavelength_id                    1 
_diffrn_radiation.pdbx_monochromatic_or_laue_m_l   M 
_diffrn_radiation.pdbx_wavelength_list             ? 
_diffrn_radiation.pdbx_wavelength                  ? 
_diffrn_radiation.pdbx_diffrn_protocol             'SINGLE WAVELENGTH' 
_diffrn_radiation.pdbx_analyzer                    ? 
_diffrn_radiation.pdbx_scattering_type             electron 
# 
_diffrn_radiation_wavelength.id           1 
_diffrn_radiation_wavelength.wavelength   1.000 
_diffrn_radiation_wavelength.wt           1.0 
# 
_diffrn_source.current                     ? 
_diffrn_source.details                     ? 
_diffrn_source.diffrn_id                   1 
_diffrn_source.pdbx_synchrotron_beamline   ? 
_diffrn_source.pdbx_synchrotron_site       ? 
_diffrn_source.pdbx_wavelength             ? 
_diffrn_source.pdbx_wavelength_list        1.000 
_diffrn_source.power                       ? 
_diffrn_source.size                        ? 
_diffrn_source.source                      'ELECTRON MICROSCOPE' 
_diffrn_source.take-off_angle              ? 
_diffrn_source.target                      ? 
_diffrn_source.type                        ? 
_diffrn_source.voltage                     ? 
# 
_reflns.B_iso_Wilson_estimate            7.230 
_reflns.entry_id                         6O4J 
_reflns.data_reduction_details           ? 
_reflns.data_reduction_method            ? 
_reflns.d_resolution_high                1.400 
_reflns.d_resolution_low                 11.640 
_reflns.details                          ? 
_reflns.limit_h_max                      ? 
_reflns.limit_h_min                      ? 
_reflns.limit_k_max                      ? 
_reflns.limit_k_min                      ? 
_reflns.limit_l_max                      ? 
_reflns.limit_l_min                      ? 
_reflns.number_all                       ? 
_reflns.number_obs                       2355 
_reflns.observed_criterion               ? 
_reflns.observed_criterion_F_max         ? 
_reflns.observed_criterion_F_min         ? 
_reflns.observed_criterion_I_max         ? 
_reflns.observed_criterion_I_min         ? 
_reflns.observed_criterion_sigma_F       ? 
_reflns.observed_criterion_sigma_I       ? 
_reflns.percent_possible_obs             85.400 
_reflns.R_free_details                   ? 
_reflns.Rmerge_F_all                     ? 
_reflns.Rmerge_F_obs                     ? 
_reflns.Friedel_coverage                 ? 
_reflns.number_gt                        ? 
_reflns.threshold_expression             ? 
_reflns.pdbx_redundancy                  20.211 
_reflns.pdbx_Rmerge_I_obs                0.240 
_reflns.pdbx_Rmerge_I_all                ? 
_reflns.pdbx_Rsym_value                  ? 
_reflns.pdbx_netI_over_av_sigmaI         ? 
_reflns.pdbx_netI_over_sigmaI            9.060 
_reflns.pdbx_res_netI_over_av_sigmaI_2   ? 
_reflns.pdbx_res_netI_over_sigmaI_2      ? 
_reflns.pdbx_chi_squared                 0.886 
_reflns.pdbx_scaling_rejects             15 
_reflns.pdbx_d_res_high_opt              ? 
_reflns.pdbx_d_res_low_opt               ? 
_reflns.pdbx_d_res_opt_method            ? 
_reflns.phase_calculation_details        ? 
_reflns.pdbx_Rrim_I_all                  0.246 
_reflns.pdbx_Rpim_I_all                  ? 
_reflns.pdbx_d_opt                       ? 
_reflns.pdbx_number_measured_all         47598 
_reflns.pdbx_diffrn_id                   1 
_reflns.pdbx_ordinal                     1 
_reflns.pdbx_CC_half                     0.995 
_reflns.pdbx_R_split                     ? 
# 
loop_
_reflns_shell.d_res_high 
_reflns_shell.d_res_low 
_reflns_shell.meanI_over_sigI_all 
_reflns_shell.meanI_over_sigI_obs 
_reflns_shell.number_measured_all 
_reflns_shell.number_measured_obs 
_reflns_shell.number_possible 
_reflns_shell.number_unique_all 
_reflns_shell.number_unique_obs 
_reflns_shell.percent_possible_all 
_reflns_shell.percent_possible_obs 
_reflns_shell.Rmerge_F_all 
_reflns_shell.Rmerge_F_obs 
_reflns_shell.Rmerge_I_all 
_reflns_shell.Rmerge_I_obs 
_reflns_shell.meanI_over_sigI_gt 
_reflns_shell.meanI_over_uI_all 
_reflns_shell.meanI_over_uI_gt 
_reflns_shell.number_measured_gt 
_reflns_shell.number_unique_gt 
_reflns_shell.percent_possible_gt 
_reflns_shell.Rmerge_F_gt 
_reflns_shell.Rmerge_I_gt 
_reflns_shell.pdbx_redundancy 
_reflns_shell.pdbx_Rsym_value 
_reflns_shell.pdbx_chi_squared 
_reflns_shell.pdbx_netI_over_sigmaI_all 
_reflns_shell.pdbx_netI_over_sigmaI_obs 
_reflns_shell.pdbx_Rrim_I_all 
_reflns_shell.pdbx_Rpim_I_all 
_reflns_shell.pdbx_rejects 
_reflns_shell.pdbx_ordinal 
_reflns_shell.pdbx_diffrn_id 
_reflns_shell.pdbx_CC_half 
_reflns_shell.pdbx_R_split 
1.400 1.440  ? 2.880  ? 1966 209 ? 163 78.000 ? ? ? ? 0.652 ? ? ? ? ? ? ? ? 12.061 ? ? ? ? 0.682 ? ? 1  1 0.697 ? 
1.440 1.480  ? 4.040  ? 2641 203 ? 169 83.300 ? ? ? ? 0.576 ? ? ? ? ? ? ? ? 15.627 ? ? ? ? 0.596 ? ? 2  1 0.671 ? 
1.480 1.520  ? 4.870  ? 2499 169 ? 153 90.500 ? ? ? ? 0.489 ? ? ? ? ? ? ? ? 16.333 ? ? ? ? 0.503 ? ? 3  1 0.788 ? 
1.520 1.570  ? 6.450  ? 3239 189 ? 164 86.800 ? ? ? ? 0.396 ? ? ? ? ? ? ? ? 19.750 ? ? ? ? 0.406 ? ? 4  1 0.923 ? 
1.570 1.620  ? 6.490  ? 3893 194 ? 169 87.100 ? ? ? ? 0.471 ? ? ? ? ? ? ? ? 23.036 ? ? ? ? 0.481 ? ? 5  1 0.930 ? 
1.620 1.680  ? 6.810  ? 3633 189 ? 154 81.500 ? ? ? ? 0.468 ? ? ? ? ? ? ? ? 23.591 ? ? ? ? 0.479 ? ? 6  1 0.882 ? 
1.680 1.740  ? 6.840  ? 2443 144 ? 127 88.200 ? ? ? ? 0.394 ? ? ? ? ? ? ? ? 19.236 ? ? ? ? 0.404 ? ? 7  1 0.899 ? 
1.740 1.810  ? 8.410  ? 3453 159 ? 143 89.900 ? ? ? ? 0.373 ? ? ? ? ? ? ? ? 24.147 ? ? ? ? 0.380 ? ? 8  1 0.956 ? 
1.810 1.890  ? 8.900  ? 3144 170 ? 144 84.700 ? ? ? ? 0.325 ? ? ? ? ? ? ? ? 21.833 ? ? ? ? 0.332 ? ? 9  1 0.984 ? 
1.890 1.980  ? 11.660 ? 2661 150 ? 125 83.300 ? ? ? ? 0.262 ? ? ? ? ? ? ? ? 21.288 ? ? ? ? 0.269 ? ? 10 1 0.987 ? 
1.980 2.090  ? 11.430 ? 2581 135 ? 120 88.900 ? ? ? ? 0.277 ? ? ? ? ? ? ? ? 21.508 ? ? ? ? 0.284 ? ? 11 1 0.987 ? 
2.090 2.220  ? 12.830 ? 2640 138 ? 120 87.000 ? ? ? ? 0.257 ? ? ? ? ? ? ? ? 22.000 ? ? ? ? 0.262 ? ? 12 1 0.977 ? 
2.220 2.370  ? 11.670 ? 2309 129 ? 110 85.300 ? ? ? ? 0.269 ? ? ? ? ? ? ? ? 20.991 ? ? ? ? 0.276 ? ? 13 1 0.961 ? 
2.370 2.560  ? 13.440 ? 2353 121 ? 104 86.000 ? ? ? ? 0.217 ? ? ? ? ? ? ? ? 22.625 ? ? ? ? 0.221 ? ? 14 1 0.993 ? 
2.560 2.800  ? 12.620 ? 1772 102 ? 87  85.300 ? ? ? ? 0.217 ? ? ? ? ? ? ? ? 20.368 ? ? ? ? 0.223 ? ? 15 1 0.986 ? 
2.800 3.130  ? 14.750 ? 1945 105 ? 86  81.900 ? ? ? ? 0.217 ? ? ? ? ? ? ? ? 22.616 ? ? ? ? 0.221 ? ? 16 1 0.983 ? 
3.130 3.620  ? 15.480 ? 1451 75  ? 70  93.300 ? ? ? ? 0.179 ? ? ? ? ? ? ? ? 20.729 ? ? ? ? 0.183 ? ? 17 1 0.994 ? 
3.620 4.430  ? 17.460 ? 1638 90  ? 73  81.100 ? ? ? ? 0.157 ? ? ? ? ? ? ? ? 22.438 ? ? ? ? 0.160 ? ? 18 1 0.995 ? 
4.430 6.270  ? 16.610 ? 1004 57  ? 49  86.000 ? ? ? ? 0.163 ? ? ? ? ? ? ? ? 20.490 ? ? ? ? 0.167 ? ? 19 1 0.998 ? 
6.270 11.640 ? 11.440 ? 333  29  ? 25  86.200 ? ? ? ? 0.298 ? ? ? ? ? ? ? ? 13.320 ? ? ? ? 0.308 ? ? 20 1 0.987 ? 
# 
_refine.aniso_B[1][1]                            ? 
_refine.aniso_B[1][2]                            ? 
_refine.aniso_B[1][3]                            ? 
_refine.aniso_B[2][2]                            ? 
_refine.aniso_B[2][3]                            ? 
_refine.aniso_B[3][3]                            ? 
_refine.B_iso_max                                23.080 
_refine.B_iso_mean                               9.4646 
_refine.B_iso_min                                1.470 
_refine.correlation_coeff_Fo_to_Fc               ? 
_refine.correlation_coeff_Fo_to_Fc_free          ? 
_refine.details                                  ? 
_refine.diff_density_max                         ? 
_refine.diff_density_max_esd                     ? 
_refine.diff_density_min                         ? 
_refine.diff_density_min_esd                     ? 
_refine.diff_density_rms                         ? 
_refine.diff_density_rms_esd                     ? 
_refine.entry_id                                 6O4J 
_refine.pdbx_refine_id                           'ELECTRON CRYSTALLOGRAPHY' 
_refine.ls_abs_structure_details                 ? 
_refine.ls_abs_structure_Flack                   ? 
_refine.ls_abs_structure_Flack_esd               ? 
_refine.ls_abs_structure_Rogers                  ? 
_refine.ls_abs_structure_Rogers_esd              ? 
_refine.ls_d_res_high                            1.4020 
_refine.ls_d_res_low                             11.6400 
_refine.ls_extinction_coef                       ? 
_refine.ls_extinction_coef_esd                   ? 
_refine.ls_extinction_expression                 ? 
_refine.ls_extinction_method                     ? 
_refine.ls_goodness_of_fit_all                   ? 
_refine.ls_goodness_of_fit_all_esd               ? 
_refine.ls_goodness_of_fit_obs                   ? 
_refine.ls_goodness_of_fit_obs_esd               ? 
_refine.ls_hydrogen_treatment                    ? 
_refine.ls_matrix_type                           ? 
_refine.ls_number_constraints                    ? 
_refine.ls_number_parameters                     ? 
_refine.ls_number_reflns_all                     ? 
_refine.ls_number_reflns_obs                     2354 
_refine.ls_number_reflns_R_free                  236 
_refine.ls_number_reflns_R_work                  ? 
_refine.ls_number_restraints                     ? 
_refine.ls_percent_reflns_obs                    86.1600 
_refine.ls_percent_reflns_R_free                 10.0300 
_refine.ls_R_factor_all                          ? 
_refine.ls_R_factor_obs                          0.2419 
_refine.ls_R_factor_R_free                       0.2832 
_refine.ls_R_factor_R_free_error                 ? 
_refine.ls_R_factor_R_free_error_details         ? 
_refine.ls_R_factor_R_work                       0.2368 
_refine.ls_R_Fsqd_factor_obs                     ? 
_refine.ls_R_I_factor_obs                        ? 
_refine.ls_redundancy_reflns_all                 ? 
_refine.ls_redundancy_reflns_obs                 ? 
_refine.ls_restrained_S_all                      ? 
_refine.ls_restrained_S_obs                      ? 
_refine.ls_shift_over_esd_max                    ? 
_refine.ls_shift_over_esd_mean                   ? 
_refine.ls_structure_factor_coef                 ? 
_refine.ls_weighting_details                     ? 
_refine.ls_weighting_scheme                      ? 
_refine.ls_wR_factor_all                         ? 
_refine.ls_wR_factor_obs                         ? 
_refine.ls_wR_factor_R_free                      ? 
_refine.ls_wR_factor_R_work                      ? 
_refine.occupancy_max                            ? 
_refine.occupancy_min                            ? 
_refine.solvent_model_details                    ? 
_refine.solvent_model_param_bsol                 ? 
_refine.solvent_model_param_ksol                 ? 
_refine.ls_R_factor_gt                           ? 
_refine.ls_goodness_of_fit_gt                    ? 
_refine.ls_goodness_of_fit_ref                   ? 
_refine.ls_shift_over_su_max                     ? 
_refine.ls_shift_over_su_max_lt                  ? 
_refine.ls_shift_over_su_mean                    ? 
_refine.ls_shift_over_su_mean_lt                 ? 
_refine.pdbx_ls_sigma_I                          ? 
_refine.pdbx_ls_sigma_F                          1.520 
_refine.pdbx_ls_sigma_Fsqd                       ? 
_refine.pdbx_data_cutoff_high_absF               ? 
_refine.pdbx_data_cutoff_high_rms_absF           ? 
_refine.pdbx_data_cutoff_low_absF                ? 
_refine.pdbx_isotropic_thermal_model             ? 
_refine.pdbx_ls_cross_valid_method               THROUGHOUT 
_refine.pdbx_method_to_determine_struct          'MOLECULAR REPLACEMENT' 
_refine.pdbx_starting_model                      'PDB entry 2Y2A' 
_refine.pdbx_stereochemistry_target_values       ? 
_refine.pdbx_R_Free_selection_details            ? 
_refine.pdbx_stereochem_target_val_spec_case     ? 
_refine.pdbx_overall_ESU_R                       ? 
_refine.pdbx_overall_ESU_R_Free                  ? 
_refine.pdbx_solvent_vdw_probe_radii             1.1100 
_refine.pdbx_solvent_ion_probe_radii             ? 
_refine.pdbx_solvent_shrinkage_radii             0.9000 
_refine.pdbx_real_space_R                        ? 
_refine.pdbx_density_correlation                 ? 
_refine.pdbx_pd_number_of_powder_patterns        ? 
_refine.pdbx_pd_number_of_points                 ? 
_refine.pdbx_pd_meas_number_of_points            ? 
_refine.pdbx_pd_proc_ls_prof_R_factor            ? 
_refine.pdbx_pd_proc_ls_prof_wR_factor           ? 
_refine.pdbx_pd_Marquardt_correlation_coeff      ? 
_refine.pdbx_pd_Fsqrd_R_factor                   ? 
_refine.pdbx_pd_ls_matrix_band_width             ? 
_refine.pdbx_overall_phase_error                 32.5100 
_refine.pdbx_overall_SU_R_free_Cruickshank_DPI   ? 
_refine.pdbx_overall_SU_R_free_Blow_DPI          ? 
_refine.pdbx_overall_SU_R_Blow_DPI               ? 
_refine.pdbx_TLS_residual_ADP_flag               ? 
_refine.pdbx_diffrn_id                           1 
_refine.overall_SU_B                             ? 
_refine.overall_SU_ML                            0.2000 
_refine.overall_SU_R_Cruickshank_DPI             ? 
_refine.overall_SU_R_free                        ? 
_refine.overall_FOM_free_R_set                   ? 
_refine.overall_FOM_work_R_set                   ? 
_refine.pdbx_average_fsc_overall                 ? 
_refine.pdbx_average_fsc_work                    ? 
_refine.pdbx_average_fsc_free                    ? 
# 
_refine_hist.cycle_id                         final 
_refine_hist.pdbx_refine_id                   'ELECTRON CRYSTALLOGRAPHY' 
_refine_hist.d_res_high                       1.4020 
_refine_hist.d_res_low                        11.6400 
_refine_hist.pdbx_number_atoms_ligand         0 
_refine_hist.number_atoms_solvent             0 
_refine_hist.number_atoms_total               178 
_refine_hist.pdbx_number_residues_total       26 
_refine_hist.pdbx_number_atoms_protein        178 
_refine_hist.pdbx_number_atoms_nucleic_acid   0 
# 
loop_
_refine_ls_restr.pdbx_refine_id 
_refine_ls_restr.criterion 
_refine_ls_restr.dev_ideal 
_refine_ls_restr.dev_ideal_target 
_refine_ls_restr.number 
_refine_ls_restr.rejects 
_refine_ls_restr.type 
_refine_ls_restr.weight 
_refine_ls_restr.pdbx_restraint_function 
'ELECTRON CRYSTALLOGRAPHY' ? 0.014  ? 180 ? f_bond_d           ? ? 
'ELECTRON CRYSTALLOGRAPHY' ? 1.458  ? 240 ? f_angle_d          ? ? 
'ELECTRON CRYSTALLOGRAPHY' ? 0.067  ? 26  ? f_chiral_restr     ? ? 
'ELECTRON CRYSTALLOGRAPHY' ? 0.006  ? 32  ? f_plane_restr      ? ? 
'ELECTRON CRYSTALLOGRAPHY' ? 15.776 ? 60  ? f_dihedral_angle_d ? ? 
# 
loop_
_refine_ls_restr_ncs.pdbx_ordinal 
_refine_ls_restr_ncs.pdbx_refine_id 
_refine_ls_restr_ncs.pdbx_ens_id 
_refine_ls_restr_ncs.dom_id 
_refine_ls_restr_ncs.pdbx_type 
_refine_ls_restr_ncs.pdbx_auth_asym_id 
_refine_ls_restr_ncs.pdbx_number 
_refine_ls_restr_ncs.pdbx_rms 
_refine_ls_restr_ncs.weight_position 
_refine_ls_restr_ncs.ncs_model_details 
_refine_ls_restr_ncs.rms_dev_position 
_refine_ls_restr_ncs.rms_dev_B_iso 
_refine_ls_restr_ncs.weight_B_iso 
_refine_ls_restr_ncs.pdbx_asym_id 
_refine_ls_restr_ncs.pdbx_weight 
1 'ELECTRON CRYSTALLOGRAPHY' 1 1 TORSIONAL A 80 24.960 ? ? ? ? ? ? ? 
2 'ELECTRON CRYSTALLOGRAPHY' 1 2 TORSIONAL B 80 24.960 ? ? ? ? ? ? ? 
# 
loop_
_refine_ls_shell.pdbx_refine_id 
_refine_ls_shell.d_res_high 
_refine_ls_shell.d_res_low 
_refine_ls_shell.number_reflns_all 
_refine_ls_shell.number_reflns_obs 
_refine_ls_shell.number_reflns_R_free 
_refine_ls_shell.number_reflns_R_work 
_refine_ls_shell.percent_reflns_obs 
_refine_ls_shell.percent_reflns_R_free 
_refine_ls_shell.R_factor_all 
_refine_ls_shell.R_factor_obs 
_refine_ls_shell.R_factor_R_free 
_refine_ls_shell.R_factor_R_free_error 
_refine_ls_shell.R_factor_R_work 
_refine_ls_shell.redundancy_reflns_all 
_refine_ls_shell.redundancy_reflns_obs 
_refine_ls_shell.wR_factor_all 
_refine_ls_shell.wR_factor_obs 
_refine_ls_shell.wR_factor_R_free 
_refine_ls_shell.wR_factor_R_work 
_refine_ls_shell.pdbx_total_number_of_bins_used 
_refine_ls_shell.pdbx_phase_error 
_refine_ls_shell.pdbx_fsc_work 
_refine_ls_shell.pdbx_fsc_free 
'ELECTRON CRYSTALLOGRAPHY' 1.4017 1.7650  1153 . 115 1038 86.0000 . . . 0.3334 0.0000 0.2802 . . . . . . 2 . . . 
'ELECTRON CRYSTALLOGRAPHY' 1.7650 11.6409 1201 . 121 1080 87.0000 . . . 0.2623 0.0000 0.2187 . . . . . . 2 . . . 
# 
loop_
_struct_ncs_dom.pdbx_ens_id 
_struct_ncs_dom.id 
_struct_ncs_dom.details 
1 1 'chain A' 
1 2 'chain B' 
# 
loop_
_struct_ncs_dom_lim.pdbx_ens_id 
_struct_ncs_dom_lim.dom_id 
_struct_ncs_dom_lim.pdbx_component_id 
_struct_ncs_dom_lim.beg_label_asym_id 
_struct_ncs_dom_lim.beg_label_comp_id 
_struct_ncs_dom_lim.beg_label_seq_id 
_struct_ncs_dom_lim.beg_label_alt_id 
_struct_ncs_dom_lim.end_label_asym_id 
_struct_ncs_dom_lim.end_label_comp_id 
_struct_ncs_dom_lim.end_label_seq_id 
_struct_ncs_dom_lim.end_label_alt_id 
_struct_ncs_dom_lim.beg_auth_asym_id 
_struct_ncs_dom_lim.beg_auth_comp_id 
_struct_ncs_dom_lim.beg_auth_seq_id 
_struct_ncs_dom_lim.end_auth_asym_id 
_struct_ncs_dom_lim.end_auth_comp_id 
_struct_ncs_dom_lim.end_auth_seq_id 
_struct_ncs_dom_lim.pdbx_refine_code 
_struct_ncs_dom_lim.selection_details 
1 1 1 A ACE 1 . A NH2 13 . A ACE 15 A NH2 27 ? 'chain A' 
1 2 1 B ACE 1 . B NH2 13 . B ACE 15 B NH2 27 ? 'chain B' 
# 
_struct_ncs_ens.id        1 
_struct_ncs_ens.details   ? 
# 
_struct.entry_id                     6O4J 
_struct.title                        'Amyloid Beta KLVFFAENVGS 16-26 D23N Iowa mutation' 
_struct.pdbx_model_details           ? 
_struct.pdbx_formula_weight          ? 
_struct.pdbx_formula_weight_method   ? 
_struct.pdbx_model_type_details      ? 
_struct.pdbx_CASP_flag               N 
# 
_struct_keywords.entry_id        6O4J 
_struct_keywords.text            'amyloid, PROTEIN FIBRIL' 
_struct_keywords.pdbx_keywords   'PROTEIN FIBRIL' 
# 
loop_
_struct_asym.id 
_struct_asym.pdbx_blank_PDB_chainid_flag 
_struct_asym.pdbx_modified 
_struct_asym.entity_id 
_struct_asym.details 
A N N 1 ? 
B N N 1 ? 
# 
_struct_ref.id                         1 
_struct_ref.db_name                    UNP 
_struct_ref.db_code                    A4_HUMAN 
_struct_ref.pdbx_db_accession          P05067 
_struct_ref.pdbx_db_isoform            ? 
_struct_ref.entity_id                  1 
_struct_ref.pdbx_seq_one_letter_code   KLVFFAEDVGS 
_struct_ref.pdbx_align_begin           687 
# 
loop_
_struct_ref_seq.align_id 
_struct_ref_seq.ref_id 
_struct_ref_seq.pdbx_PDB_id_code 
_struct_ref_seq.pdbx_strand_id 
_struct_ref_seq.seq_align_beg 
_struct_ref_seq.pdbx_seq_align_beg_ins_code 
_struct_ref_seq.seq_align_end 
_struct_ref_seq.pdbx_seq_align_end_ins_code 
_struct_ref_seq.pdbx_db_accession 
_struct_ref_seq.db_align_beg 
_struct_ref_seq.pdbx_db_align_beg_ins_code 
_struct_ref_seq.db_align_end 
_struct_ref_seq.pdbx_db_align_end_ins_code 
_struct_ref_seq.pdbx_auth_seq_align_beg 
_struct_ref_seq.pdbx_auth_seq_align_end 
1 1 6O4J A 2 ? 12 ? P05067 687 ? 697 ? 16 26 
2 1 6O4J B 2 ? 12 ? P05067 687 ? 697 ? 16 26 
# 
loop_
_struct_ref_seq_dif.align_id 
_struct_ref_seq_dif.pdbx_pdb_id_code 
_struct_ref_seq_dif.mon_id 
_struct_ref_seq_dif.pdbx_pdb_strand_id 
_struct_ref_seq_dif.seq_num 
_struct_ref_seq_dif.pdbx_pdb_ins_code 
_struct_ref_seq_dif.pdbx_seq_db_name 
_struct_ref_seq_dif.pdbx_seq_db_accession_code 
_struct_ref_seq_dif.db_mon_id 
_struct_ref_seq_dif.pdbx_seq_db_seq_num 
_struct_ref_seq_dif.details 
_struct_ref_seq_dif.pdbx_auth_seq_num 
_struct_ref_seq_dif.pdbx_ordinal 
1 6O4J ACE A 1  ? UNP P05067 ?   ?   acetylation           15 1 
1 6O4J ASN A 9  ? UNP P05067 ASP 694 'engineered mutation' 23 2 
1 6O4J NH2 A 13 ? UNP P05067 ?   ?   amidation             27 3 
2 6O4J ACE B 1  ? UNP P05067 ?   ?   acetylation           15 4 
2 6O4J ASN B 9  ? UNP P05067 ASP 694 'engineered mutation' 23 5 
2 6O4J NH2 B 13 ? UNP P05067 ?   ?   amidation             27 6 
# 
_pdbx_struct_assembly.id                   1 
_pdbx_struct_assembly.details              author_defined_assembly 
_pdbx_struct_assembly.method_details       ? 
_pdbx_struct_assembly.oligomeric_details   dodecameric 
_pdbx_struct_assembly.oligomeric_count     12 
# 
loop_
_pdbx_struct_assembly_gen.assembly_id 
_pdbx_struct_assembly_gen.oper_expression 
_pdbx_struct_assembly_gen.asym_id_list 
1 1 A,B 
1 2 A,B 
1 3 A,B 
1 4 A,B 
1 5 A,B 
1 6 A,B 
# 
_pdbx_struct_assembly_auth_evidence.id                     1 
_pdbx_struct_assembly_auth_evidence.assembly_id            1 
_pdbx_struct_assembly_auth_evidence.experimental_support   none 
_pdbx_struct_assembly_auth_evidence.details                ? 
# 
loop_
_pdbx_struct_oper_list.id 
_pdbx_struct_oper_list.type 
_pdbx_struct_oper_list.name 
_pdbx_struct_oper_list.symmetry_operation 
_pdbx_struct_oper_list.matrix[1][1] 
_pdbx_struct_oper_list.matrix[1][2] 
_pdbx_struct_oper_list.matrix[1][3] 
_pdbx_struct_oper_list.vector[1] 
_pdbx_struct_oper_list.matrix[2][1] 
_pdbx_struct_oper_list.matrix[2][2] 
_pdbx_struct_oper_list.matrix[2][3] 
_pdbx_struct_oper_list.vector[2] 
_pdbx_struct_oper_list.matrix[3][1] 
_pdbx_struct_oper_list.matrix[3][2] 
_pdbx_struct_oper_list.matrix[3][3] 
_pdbx_struct_oper_list.vector[3] 
1 'identity operation'         1_555 x,y,z     1.0000000000 0.0000000000 0.0000000000 0.0000000000   0.0000000000 1.0000000000 0.0000000000 0.0000000000   0.0000000000 0.0000000000 1.0000000000 0.0000000000  
2 'crystal symmetry operation' 1_455 x-1,y,z   1.0000000000 0.0000000000 0.0000000000 -3.4281132536  0.0000000000 1.0000000000 0.0000000000 11.1305720110  0.0000000000 0.0000000000 1.0000000000 -0.7398014785 
3 'crystal symmetry operation' 1_655 x+1,y,z   1.0000000000 0.0000000000 0.0000000000 3.4281132536   0.0000000000 1.0000000000 0.0000000000 -11.1305720110 0.0000000000 0.0000000000 1.0000000000 0.7398014785  
4 'crystal symmetry operation' 1_556 x,y,z+1   1.0000000000 0.0000000000 0.0000000000 -7.9907317595  0.0000000000 1.0000000000 0.0000000000 3.6342902563   0.0000000000 0.0000000000 1.0000000000 9.2605475150  
5 'crystal symmetry operation' 1_456 x-1,y,z+1 1.0000000000 0.0000000000 0.0000000000 -11.4188450132 0.0000000000 1.0000000000 0.0000000000 14.7648622674  0.0000000000 0.0000000000 1.0000000000 8.5207460366  
6 'crystal symmetry operation' 1_656 x+1,y,z+1 1.0000000000 0.0000000000 0.0000000000 -4.5626185059  0.0000000000 1.0000000000 0.0000000000 -7.4962817547  0.0000000000 0.0000000000 1.0000000000 10.0003489935 
# 
loop_
_struct_conn.id 
_struct_conn.conn_type_id 
_struct_conn.pdbx_leaving_atom_flag 
_struct_conn.pdbx_PDB_id 
_struct_conn.ptnr1_label_asym_id 
_struct_conn.ptnr1_label_comp_id 
_struct_conn.ptnr1_label_seq_id 
_struct_conn.ptnr1_label_atom_id 
_struct_conn.pdbx_ptnr1_label_alt_id 
_struct_conn.pdbx_ptnr1_PDB_ins_code 
_struct_conn.pdbx_ptnr1_standard_comp_id 
_struct_conn.ptnr1_symmetry 
_struct_conn.ptnr2_label_asym_id 
_struct_conn.ptnr2_label_comp_id 
_struct_conn.ptnr2_label_seq_id 
_struct_conn.ptnr2_label_atom_id 
_struct_conn.pdbx_ptnr2_label_alt_id 
_struct_conn.pdbx_ptnr2_PDB_ins_code 
_struct_conn.ptnr1_auth_asym_id 
_struct_conn.ptnr1_auth_comp_id 
_struct_conn.ptnr1_auth_seq_id 
_struct_conn.ptnr2_auth_asym_id 
_struct_conn.ptnr2_auth_comp_id 
_struct_conn.ptnr2_auth_seq_id 
_struct_conn.ptnr2_symmetry 
_struct_conn.pdbx_ptnr3_label_atom_id 
_struct_conn.pdbx_ptnr3_label_seq_id 
_struct_conn.pdbx_ptnr3_label_comp_id 
_struct_conn.pdbx_ptnr3_label_asym_id 
_struct_conn.pdbx_ptnr3_label_alt_id 
_struct_conn.pdbx_ptnr3_PDB_ins_code 
_struct_conn.details 
_struct_conn.pdbx_dist_value 
_struct_conn.pdbx_value_order 
_struct_conn.pdbx_role 
covale1 covale both ? A ACE 1  C ? ? ? 1_555 A LYS 2  N ? ? A ACE 15 A LYS 16 1_555 ? ? ? ? ? ? ? 1.325 ? ? 
covale2 covale both ? A SER 12 C ? ? ? 1_555 A NH2 13 N ? ? A SER 26 A NH2 27 1_555 ? ? ? ? ? ? ? 1.234 ? ? 
covale3 covale both ? B ACE 1  C ? ? ? 1_555 B LYS 2  N ? ? B ACE 15 B LYS 16 1_555 ? ? ? ? ? ? ? 1.326 ? ? 
covale4 covale both ? B SER 12 C ? ? ? 1_555 B NH2 13 N ? ? B SER 26 B NH2 27 1_555 ? ? ? ? ? ? ? 1.236 ? ? 
# 
_struct_conn_type.id          covale 
_struct_conn_type.criteria    ? 
_struct_conn_type.reference   ? 
# 
loop_
_pdbx_modification_feature.ordinal 
_pdbx_modification_feature.label_comp_id 
_pdbx_modification_feature.label_asym_id 
_pdbx_modification_feature.label_seq_id 
_pdbx_modification_feature.label_alt_id 
_pdbx_modification_feature.modified_residue_label_comp_id 
_pdbx_modification_feature.modified_residue_label_asym_id 
_pdbx_modification_feature.modified_residue_label_seq_id 
_pdbx_modification_feature.modified_residue_label_alt_id 
_pdbx_modification_feature.auth_comp_id 
_pdbx_modification_feature.auth_asym_id 
_pdbx_modification_feature.auth_seq_id 
_pdbx_modification_feature.PDB_ins_code 
_pdbx_modification_feature.symmetry 
_pdbx_modification_feature.modified_residue_auth_comp_id 
_pdbx_modification_feature.modified_residue_auth_asym_id 
_pdbx_modification_feature.modified_residue_auth_seq_id 
_pdbx_modification_feature.modified_residue_PDB_ins_code 
_pdbx_modification_feature.modified_residue_symmetry 
_pdbx_modification_feature.comp_id_linking_atom 
_pdbx_modification_feature.modified_residue_id_linking_atom 
_pdbx_modification_feature.modified_residue_id 
_pdbx_modification_feature.ref_pcm_id 
_pdbx_modification_feature.ref_comp_id 
_pdbx_modification_feature.type 
_pdbx_modification_feature.category 
1 ACE A 1  ? LYS A 2  ? ACE A 15 ? 1_555 LYS A 16 ? 1_555 . . LYS 20 ACE None 'Terminal acetylation' 
2 ACE B 1  ? LYS B 2  ? ACE B 15 ? 1_555 LYS B 16 ? 1_555 . . LYS 20 ACE None 'Terminal acetylation' 
3 NH2 A 13 ? SER A 12 ? NH2 A 27 ? 1_555 SER A 26 ? 1_555 . . SER 6  NH2 None 'Terminal amidation'   
4 NH2 B 13 ? SER B 12 ? NH2 B 27 ? 1_555 SER B 26 ? 1_555 . . SER 6  NH2 None 'Terminal amidation'   
# 
_struct_sheet.id               AA1 
_struct_sheet.type             ? 
_struct_sheet.number_strands   2 
_struct_sheet.details          ? 
# 
_struct_sheet_order.sheet_id     AA1 
_struct_sheet_order.range_id_1   1 
_struct_sheet_order.range_id_2   2 
_struct_sheet_order.offset       ? 
_struct_sheet_order.sense        anti-parallel 
# 
loop_
_struct_sheet_range.sheet_id 
_struct_sheet_range.id 
_struct_sheet_range.beg_label_comp_id 
_struct_sheet_range.beg_label_asym_id 
_struct_sheet_range.beg_label_seq_id 
_struct_sheet_range.pdbx_beg_PDB_ins_code 
_struct_sheet_range.end_label_comp_id 
_struct_sheet_range.end_label_asym_id 
_struct_sheet_range.end_label_seq_id 
_struct_sheet_range.pdbx_end_PDB_ins_code 
_struct_sheet_range.beg_auth_comp_id 
_struct_sheet_range.beg_auth_asym_id 
_struct_sheet_range.beg_auth_seq_id 
_struct_sheet_range.end_auth_comp_id 
_struct_sheet_range.end_auth_asym_id 
_struct_sheet_range.end_auth_seq_id 
AA1 1 LEU A 3 ? ALA A 7 ? LEU A 17 ALA A 21 
AA1 2 LYS B 2 ? PHE B 6 ? LYS B 16 PHE B 20 
# 
_pdbx_struct_sheet_hbond.sheet_id                AA1 
_pdbx_struct_sheet_hbond.range_id_1              1 
_pdbx_struct_sheet_hbond.range_id_2              2 
_pdbx_struct_sheet_hbond.range_1_label_atom_id   N 
_pdbx_struct_sheet_hbond.range_1_label_comp_id   ALA 
_pdbx_struct_sheet_hbond.range_1_label_asym_id   A 
_pdbx_struct_sheet_hbond.range_1_label_seq_id    7 
_pdbx_struct_sheet_hbond.range_1_PDB_ins_code    ? 
_pdbx_struct_sheet_hbond.range_1_auth_atom_id    N 
_pdbx_struct_sheet_hbond.range_1_auth_comp_id    ALA 
_pdbx_struct_sheet_hbond.range_1_auth_asym_id    A 
_pdbx_struct_sheet_hbond.range_1_auth_seq_id     21 
_pdbx_struct_sheet_hbond.range_2_label_atom_id   O 
_pdbx_struct_sheet_hbond.range_2_label_comp_id   LYS 
_pdbx_struct_sheet_hbond.range_2_label_asym_id   B 
_pdbx_struct_sheet_hbond.range_2_label_seq_id    2 
_pdbx_struct_sheet_hbond.range_2_PDB_ins_code    ? 
_pdbx_struct_sheet_hbond.range_2_auth_atom_id    O 
_pdbx_struct_sheet_hbond.range_2_auth_comp_id    LYS 
_pdbx_struct_sheet_hbond.range_2_auth_asym_id    B 
_pdbx_struct_sheet_hbond.range_2_auth_seq_id     16 
# 
_pdbx_entry_details.entry_id                   6O4J 
_pdbx_entry_details.compound_details           ? 
_pdbx_entry_details.source_details             ? 
_pdbx_entry_details.nonpolymer_details         ? 
_pdbx_entry_details.sequence_details           ? 
_pdbx_entry_details.has_ligand_of_interest     ? 
_pdbx_entry_details.has_protein_modification   Y 
# 
_em_3d_fitting.entry_id          6O4J 
_em_3d_fitting.id                1 
_em_3d_fitting.details           ? 
_em_3d_fitting.overall_b_value   ? 
_em_3d_fitting.ref_protocol      OTHER 
_em_3d_fitting.ref_space         RECIPROCAL 
_em_3d_fitting.target_criteria   'Maximum likelihood' 
_em_3d_fitting.method            ? 
# 
_em_3d_fitting_list.3d_fitting_id                 1 
_em_3d_fitting_list.id                            1 
_em_3d_fitting_list.details                       ? 
_em_3d_fitting_list.pdb_chain_id                  ? 
_em_3d_fitting_list.pdb_chain_residue_range       ? 
_em_3d_fitting_list.pdb_entry_id                  2Y2A 
_em_3d_fitting_list.initial_refinement_model_id   1 
_em_3d_fitting_list.chain_id                      ? 
_em_3d_fitting_list.chain_residue_range           ? 
_em_3d_fitting_list.source_name                   PDB 
_em_3d_fitting_list.type                          'experimental model' 
_em_3d_fitting_list.accession_code                2Y2A 
# 
_em_3d_reconstruction.entry_id                    6O4J 
_em_3d_reconstruction.id                          1 
_em_3d_reconstruction.algorithm                   ? 
_em_3d_reconstruction.details                     ? 
_em_3d_reconstruction.refinement_type             ? 
_em_3d_reconstruction.image_processing_id         1 
_em_3d_reconstruction.num_class_averages          ? 
_em_3d_reconstruction.num_particles               ? 
_em_3d_reconstruction.resolution                  1.402 
_em_3d_reconstruction.resolution_method           'DIFFRACTION PATTERN/LAYERLINES' 
_em_3d_reconstruction.symmetry_type               '3D CRYSTAL' 
_em_3d_reconstruction.method                      ? 
_em_3d_reconstruction.nominal_pixel_size          ? 
_em_3d_reconstruction.actual_pixel_size           ? 
_em_3d_reconstruction.magnification_calibration   ? 
_em_3d_reconstruction.citation_id                 ? 
_em_3d_reconstruction.euler_angles_details        ? 
# 
_em_buffer.id            1 
_em_buffer.details       ? 
_em_buffer.pH            8.0 
_em_buffer.specimen_id   1 
_em_buffer.name          ? 
# 
_em_entity_assembly.id                   1 
_em_entity_assembly.parent_id            0 
_em_entity_assembly.details              ? 
_em_entity_assembly.name                 'Fibrils of Amyloid Beta segment 16-26' 
_em_entity_assembly.source               NATURAL 
_em_entity_assembly.type                 COMPLEX 
_em_entity_assembly.entity_id_list       1 
_em_entity_assembly.synonym              ? 
_em_entity_assembly.oligomeric_details   ? 
# 
_em_image_scans.entry_id                6O4J 
_em_image_scans.id                      1 
_em_image_scans.dimension_height        2048 
_em_image_scans.dimension_width         2048 
_em_image_scans.frames_per_image        ? 
_em_image_scans.image_recording_id      1 
_em_image_scans.sampling_size           ? 
_em_image_scans.scanner_model           ? 
_em_image_scans.used_frames_per_image   ? 
_em_image_scans.citation_id             ? 
_em_image_scans.number_digital_images   ? 
_em_image_scans.od_range                ? 
_em_image_scans.quant_bit_size          ? 
_em_image_scans.details                 ? 
# 
_em_imaging.id                              1 
_em_imaging.entry_id                        6O4J 
_em_imaging.accelerating_voltage            200 
_em_imaging.alignment_procedure             ? 
_em_imaging.c2_aperture_diameter            ? 
_em_imaging.calibrated_defocus_max          ? 
_em_imaging.calibrated_defocus_min          ? 
_em_imaging.calibrated_magnification        ? 
_em_imaging.cryogen                         NITROGEN 
_em_imaging.details                         ? 
_em_imaging.electron_source                 'FIELD EMISSION GUN' 
_em_imaging.illumination_mode               'FLOOD BEAM' 
_em_imaging.microscope_model                'FEI TECNAI F20' 
_em_imaging.mode                            DIFFRACTION 
_em_imaging.nominal_cs                      ? 
_em_imaging.nominal_defocus_max             ? 
_em_imaging.nominal_defocus_min             ? 
_em_imaging.nominal_magnification           ? 
_em_imaging.recording_temperature_maximum   ? 
_em_imaging.recording_temperature_minimum   ? 
_em_imaging.residual_tilt                   ? 
_em_imaging.specimen_holder_model           'GATAN 626 SINGLE TILT LIQUID NITROGEN CRYO TRANSFER HOLDER' 
_em_imaging.specimen_id                     1 
_em_imaging.citation_id                     ? 
_em_imaging.date                            ? 
_em_imaging.temperature                     ? 
_em_imaging.tilt_angle_min                  ? 
_em_imaging.tilt_angle_max                  ? 
_em_imaging.astigmatism                     ? 
_em_imaging.detector_distance               ? 
_em_imaging.electron_beam_tilt_params       ? 
_em_imaging.specimen_holder_type            ? 
# 
_em_sample_support.citation_id      ? 
_em_sample_support.details          unspecified 
_em_sample_support.film_material    ? 
_em_sample_support.grid_material    ? 
_em_sample_support.grid_mesh_size   ? 
_em_sample_support.grid_type        ? 
_em_sample_support.id               1 
_em_sample_support.method           ? 
_em_sample_support.specimen_id      1 
# 
_em_vitrification.id                    1 
_em_vitrification.specimen_id           1 
_em_vitrification.chamber_temperature   ? 
_em_vitrification.cryogen_name          ETHANE 
_em_vitrification.details               ? 
_em_vitrification.humidity              ? 
_em_vitrification.instrument            'FEI VITROBOT MARK IV' 
_em_vitrification.entry_id              6O4J 
_em_vitrification.citation_id           ? 
_em_vitrification.method                ? 
_em_vitrification.temp                  ? 
_em_vitrification.time_resolved_state   ? 
# 
_em_experiment.entry_id                6O4J 
_em_experiment.id                      1 
_em_experiment.aggregation_state       '3D ARRAY' 
_em_experiment.reconstruction_method   CRYSTALLOGRAPHY 
_em_experiment.entity_assembly_id      1 
# 
loop_
_chem_comp_atom.comp_id 
_chem_comp_atom.atom_id 
_chem_comp_atom.type_symbol 
_chem_comp_atom.pdbx_aromatic_flag 
_chem_comp_atom.pdbx_stereo_config 
_chem_comp_atom.pdbx_ordinal 
ACE C    C N N 1   
ACE O    O N N 2   
ACE CH3  C N N 3   
ACE H    H N N 4   
ACE H1   H N N 5   
ACE H2   H N N 6   
ACE H3   H N N 7   
ALA N    N N N 8   
ALA CA   C N S 9   
ALA C    C N N 10  
ALA O    O N N 11  
ALA CB   C N N 12  
ALA OXT  O N N 13  
ALA H    H N N 14  
ALA H2   H N N 15  
ALA HA   H N N 16  
ALA HB1  H N N 17  
ALA HB2  H N N 18  
ALA HB3  H N N 19  
ALA HXT  H N N 20  
ASN N    N N N 21  
ASN CA   C N S 22  
ASN C    C N N 23  
ASN O    O N N 24  
ASN CB   C N N 25  
ASN CG   C N N 26  
ASN OD1  O N N 27  
ASN ND2  N N N 28  
ASN OXT  O N N 29  
ASN H    H N N 30  
ASN H2   H N N 31  
ASN HA   H N N 32  
ASN HB2  H N N 33  
ASN HB3  H N N 34  
ASN HD21 H N N 35  
ASN HD22 H N N 36  
ASN HXT  H N N 37  
ASP N    N N N 38  
ASP CA   C N S 39  
ASP C    C N N 40  
ASP O    O N N 41  
ASP CB   C N N 42  
ASP CG   C N N 43  
ASP OD1  O N N 44  
ASP OD2  O N N 45  
ASP OXT  O N N 46  
ASP H    H N N 47  
ASP H2   H N N 48  
ASP HA   H N N 49  
ASP HB2  H N N 50  
ASP HB3  H N N 51  
ASP HD2  H N N 52  
ASP HXT  H N N 53  
GLU N    N N N 54  
GLU CA   C N S 55  
GLU C    C N N 56  
GLU O    O N N 57  
GLU CB   C N N 58  
GLU CG   C N N 59  
GLU CD   C N N 60  
GLU OE1  O N N 61  
GLU OE2  O N N 62  
GLU OXT  O N N 63  
GLU H    H N N 64  
GLU H2   H N N 65  
GLU HA   H N N 66  
GLU HB2  H N N 67  
GLU HB3  H N N 68  
GLU HG2  H N N 69  
GLU HG3  H N N 70  
GLU HE2  H N N 71  
GLU HXT  H N N 72  
GLY N    N N N 73  
GLY CA   C N N 74  
GLY C    C N N 75  
GLY O    O N N 76  
GLY OXT  O N N 77  
GLY H    H N N 78  
GLY H2   H N N 79  
GLY HA2  H N N 80  
GLY HA3  H N N 81  
GLY HXT  H N N 82  
LEU N    N N N 83  
LEU CA   C N S 84  
LEU C    C N N 85  
LEU O    O N N 86  
LEU CB   C N N 87  
LEU CG   C N N 88  
LEU CD1  C N N 89  
LEU CD2  C N N 90  
LEU OXT  O N N 91  
LEU H    H N N 92  
LEU H2   H N N 93  
LEU HA   H N N 94  
LEU HB2  H N N 95  
LEU HB3  H N N 96  
LEU HG   H N N 97  
LEU HD11 H N N 98  
LEU HD12 H N N 99  
LEU HD13 H N N 100 
LEU HD21 H N N 101 
LEU HD22 H N N 102 
LEU HD23 H N N 103 
LEU HXT  H N N 104 
LYS N    N N N 105 
LYS CA   C N S 106 
LYS C    C N N 107 
LYS O    O N N 108 
LYS CB   C N N 109 
LYS CG   C N N 110 
LYS CD   C N N 111 
LYS CE   C N N 112 
LYS NZ   N N N 113 
LYS OXT  O N N 114 
LYS H    H N N 115 
LYS H2   H N N 116 
LYS HA   H N N 117 
LYS HB2  H N N 118 
LYS HB3  H N N 119 
LYS HG2  H N N 120 
LYS HG3  H N N 121 
LYS HD2  H N N 122 
LYS HD3  H N N 123 
LYS HE2  H N N 124 
LYS HE3  H N N 125 
LYS HZ1  H N N 126 
LYS HZ2  H N N 127 
LYS HZ3  H N N 128 
LYS HXT  H N N 129 
NH2 N    N N N 130 
NH2 HN1  H N N 131 
NH2 HN2  H N N 132 
PHE N    N N N 133 
PHE CA   C N S 134 
PHE C    C N N 135 
PHE O    O N N 136 
PHE CB   C N N 137 
PHE CG   C Y N 138 
PHE CD1  C Y N 139 
PHE CD2  C Y N 140 
PHE CE1  C Y N 141 
PHE CE2  C Y N 142 
PHE CZ   C Y N 143 
PHE OXT  O N N 144 
PHE H    H N N 145 
PHE H2   H N N 146 
PHE HA   H N N 147 
PHE HB2  H N N 148 
PHE HB3  H N N 149 
PHE HD1  H N N 150 
PHE HD2  H N N 151 
PHE HE1  H N N 152 
PHE HE2  H N N 153 
PHE HZ   H N N 154 
PHE HXT  H N N 155 
SER N    N N N 156 
SER CA   C N S 157 
SER C    C N N 158 
SER O    O N N 159 
SER CB   C N N 160 
SER OG   O N N 161 
SER OXT  O N N 162 
SER H    H N N 163 
SER H2   H N N 164 
SER HA   H N N 165 
SER HB2  H N N 166 
SER HB3  H N N 167 
SER HG   H N N 168 
SER HXT  H N N 169 
VAL N    N N N 170 
VAL CA   C N S 171 
VAL C    C N N 172 
VAL O    O N N 173 
VAL CB   C N N 174 
VAL CG1  C N N 175 
VAL CG2  C N N 176 
VAL OXT  O N N 177 
VAL H    H N N 178 
VAL H2   H N N 179 
VAL HA   H N N 180 
VAL HB   H N N 181 
VAL HG11 H N N 182 
VAL HG12 H N N 183 
VAL HG13 H N N 184 
VAL HG21 H N N 185 
VAL HG22 H N N 186 
VAL HG23 H N N 187 
VAL HXT  H N N 188 
# 
loop_
_chem_comp_bond.comp_id 
_chem_comp_bond.atom_id_1 
_chem_comp_bond.atom_id_2 
_chem_comp_bond.value_order 
_chem_comp_bond.pdbx_aromatic_flag 
_chem_comp_bond.pdbx_stereo_config 
_chem_comp_bond.pdbx_ordinal 
ACE C   O    doub N N 1   
ACE C   CH3  sing N N 2   
ACE C   H    sing N N 3   
ACE CH3 H1   sing N N 4   
ACE CH3 H2   sing N N 5   
ACE CH3 H3   sing N N 6   
ALA N   CA   sing N N 7   
ALA N   H    sing N N 8   
ALA N   H2   sing N N 9   
ALA CA  C    sing N N 10  
ALA CA  CB   sing N N 11  
ALA CA  HA   sing N N 12  
ALA C   O    doub N N 13  
ALA C   OXT  sing N N 14  
ALA CB  HB1  sing N N 15  
ALA CB  HB2  sing N N 16  
ALA CB  HB3  sing N N 17  
ALA OXT HXT  sing N N 18  
ASN N   CA   sing N N 19  
ASN N   H    sing N N 20  
ASN N   H2   sing N N 21  
ASN CA  C    sing N N 22  
ASN CA  CB   sing N N 23  
ASN CA  HA   sing N N 24  
ASN C   O    doub N N 25  
ASN C   OXT  sing N N 26  
ASN CB  CG   sing N N 27  
ASN CB  HB2  sing N N 28  
ASN CB  HB3  sing N N 29  
ASN CG  OD1  doub N N 30  
ASN CG  ND2  sing N N 31  
ASN ND2 HD21 sing N N 32  
ASN ND2 HD22 sing N N 33  
ASN OXT HXT  sing N N 34  
ASP N   CA   sing N N 35  
ASP N   H    sing N N 36  
ASP N   H2   sing N N 37  
ASP CA  C    sing N N 38  
ASP CA  CB   sing N N 39  
ASP CA  HA   sing N N 40  
ASP C   O    doub N N 41  
ASP C   OXT  sing N N 42  
ASP CB  CG   sing N N 43  
ASP CB  HB2  sing N N 44  
ASP CB  HB3  sing N N 45  
ASP CG  OD1  doub N N 46  
ASP CG  OD2  sing N N 47  
ASP OD2 HD2  sing N N 48  
ASP OXT HXT  sing N N 49  
GLU N   CA   sing N N 50  
GLU N   H    sing N N 51  
GLU N   H2   sing N N 52  
GLU CA  C    sing N N 53  
GLU CA  CB   sing N N 54  
GLU CA  HA   sing N N 55  
GLU C   O    doub N N 56  
GLU C   OXT  sing N N 57  
GLU CB  CG   sing N N 58  
GLU CB  HB2  sing N N 59  
GLU CB  HB3  sing N N 60  
GLU CG  CD   sing N N 61  
GLU CG  HG2  sing N N 62  
GLU CG  HG3  sing N N 63  
GLU CD  OE1  doub N N 64  
GLU CD  OE2  sing N N 65  
GLU OE2 HE2  sing N N 66  
GLU OXT HXT  sing N N 67  
GLY N   CA   sing N N 68  
GLY N   H    sing N N 69  
GLY N   H2   sing N N 70  
GLY CA  C    sing N N 71  
GLY CA  HA2  sing N N 72  
GLY CA  HA3  sing N N 73  
GLY C   O    doub N N 74  
GLY C   OXT  sing N N 75  
GLY OXT HXT  sing N N 76  
LEU N   CA   sing N N 77  
LEU N   H    sing N N 78  
LEU N   H2   sing N N 79  
LEU CA  C    sing N N 80  
LEU CA  CB   sing N N 81  
LEU CA  HA   sing N N 82  
LEU C   O    doub N N 83  
LEU C   OXT  sing N N 84  
LEU CB  CG   sing N N 85  
LEU CB  HB2  sing N N 86  
LEU CB  HB3  sing N N 87  
LEU CG  CD1  sing N N 88  
LEU CG  CD2  sing N N 89  
LEU CG  HG   sing N N 90  
LEU CD1 HD11 sing N N 91  
LEU CD1 HD12 sing N N 92  
LEU CD1 HD13 sing N N 93  
LEU CD2 HD21 sing N N 94  
LEU CD2 HD22 sing N N 95  
LEU CD2 HD23 sing N N 96  
LEU OXT HXT  sing N N 97  
LYS N   CA   sing N N 98  
LYS N   H    sing N N 99  
LYS N   H2   sing N N 100 
LYS CA  C    sing N N 101 
LYS CA  CB   sing N N 102 
LYS CA  HA   sing N N 103 
LYS C   O    doub N N 104 
LYS C   OXT  sing N N 105 
LYS CB  CG   sing N N 106 
LYS CB  HB2  sing N N 107 
LYS CB  HB3  sing N N 108 
LYS CG  CD   sing N N 109 
LYS CG  HG2  sing N N 110 
LYS CG  HG3  sing N N 111 
LYS CD  CE   sing N N 112 
LYS CD  HD2  sing N N 113 
LYS CD  HD3  sing N N 114 
LYS CE  NZ   sing N N 115 
LYS CE  HE2  sing N N 116 
LYS CE  HE3  sing N N 117 
LYS NZ  HZ1  sing N N 118 
LYS NZ  HZ2  sing N N 119 
LYS NZ  HZ3  sing N N 120 
LYS OXT HXT  sing N N 121 
NH2 N   HN1  sing N N 122 
NH2 N   HN2  sing N N 123 
PHE N   CA   sing N N 124 
PHE N   H    sing N N 125 
PHE N   H2   sing N N 126 
PHE CA  C    sing N N 127 
PHE CA  CB   sing N N 128 
PHE CA  HA   sing N N 129 
PHE C   O    doub N N 130 
PHE C   OXT  sing N N 131 
PHE CB  CG   sing N N 132 
PHE CB  HB2  sing N N 133 
PHE CB  HB3  sing N N 134 
PHE CG  CD1  doub Y N 135 
PHE CG  CD2  sing Y N 136 
PHE CD1 CE1  sing Y N 137 
PHE CD1 HD1  sing N N 138 
PHE CD2 CE2  doub Y N 139 
PHE CD2 HD2  sing N N 140 
PHE CE1 CZ   doub Y N 141 
PHE CE1 HE1  sing N N 142 
PHE CE2 CZ   sing Y N 143 
PHE CE2 HE2  sing N N 144 
PHE CZ  HZ   sing N N 145 
PHE OXT HXT  sing N N 146 
SER N   CA   sing N N 147 
SER N   H    sing N N 148 
SER N   H2   sing N N 149 
SER CA  C    sing N N 150 
SER CA  CB   sing N N 151 
SER CA  HA   sing N N 152 
SER C   O    doub N N 153 
SER C   OXT  sing N N 154 
SER CB  OG   sing N N 155 
SER CB  HB2  sing N N 156 
SER CB  HB3  sing N N 157 
SER OG  HG   sing N N 158 
SER OXT HXT  sing N N 159 
VAL N   CA   sing N N 160 
VAL N   H    sing N N 161 
VAL N   H2   sing N N 162 
VAL CA  C    sing N N 163 
VAL CA  CB   sing N N 164 
VAL CA  HA   sing N N 165 
VAL C   O    doub N N 166 
VAL C   OXT  sing N N 167 
VAL CB  CG1  sing N N 168 
VAL CB  CG2  sing N N 169 
VAL CB  HB   sing N N 170 
VAL CG1 HG11 sing N N 171 
VAL CG1 HG12 sing N N 172 
VAL CG1 HG13 sing N N 173 
VAL CG2 HG21 sing N N 174 
VAL CG2 HG22 sing N N 175 
VAL CG2 HG23 sing N N 176 
VAL OXT HXT  sing N N 177 
# 
_em_3d_crystal_entity.id                    1 
_em_3d_crystal_entity.image_processing_id   1 
_em_3d_crystal_entity.angle_alpha           90 
_em_3d_crystal_entity.angle_beta            114.18 
_em_3d_crystal_entity.angle_gamma           90 
_em_3d_crystal_entity.length_a              11.67 
_em_3d_crystal_entity.length_b              51.91 
_em_3d_crystal_entity.length_c              12.76 
_em_3d_crystal_entity.space_group_name      p21 
_em_3d_crystal_entity.space_group_num       4 
# 
_em_admin.entry_id           6O4J 
_em_admin.current_status     REL 
_em_admin.deposition_date    2019-02-28 
_em_admin.deposition_site    RCSB 
_em_admin.last_update        2024-10-23 
_em_admin.map_release_date   2019-10-30 
_em_admin.title              'Amyloid Beta KLVFFAENVGS 16-26 D23N Iowa mutation' 
# 
loop_
_em_buffer_component.buffer_id 
_em_buffer_component.id 
_em_buffer_component.concentration 
_em_buffer_component.concentration_units 
_em_buffer_component.formula 
_em_buffer_component.name 
1 1 200 mM MgCl2    'magnesium formate' 
1 2 10  %  C2H6OS   DMSO                
1 3 100 mM C4H11NO3 'Tris Base'         
1 4 15  %  C3H8O    isopropanol         
# 
_em_crystal_formation.id                    1 
_em_crystal_formation.specimen_id           1 
_em_crystal_formation.atmosphere            air 
_em_crystal_formation.details               ? 
_em_crystal_formation.instrument            'microcentrifuge tube' 
_em_crystal_formation.lipid_mixture         ? 
_em_crystal_formation.lipid_protein_ratio   ? 
_em_crystal_formation.temperature           310 
_em_crystal_formation.time                  4 
_em_crystal_formation.time_unit             DAY 
# 
_em_ctf_correction.id                       1 
_em_ctf_correction.em_image_processing_id   1 
_em_ctf_correction.type                     NONE 
_em_ctf_correction.details                  ? 
# 
_em_diffraction.id                1 
_em_diffraction.camera_length     1840 
_em_diffraction.imaging_id        1 
_em_diffraction.tilt_angle_list   ? 
# 
_em_diffraction_shell.id                        1 
_em_diffraction_shell.em_diffraction_stats_id   1 
_em_diffraction_shell.fourier_space_coverage    78.0 
_em_diffraction_shell.high_resolution           1.40 
_em_diffraction_shell.low_resolution            1.44 
_em_diffraction_shell.multiplicity              12.1 
_em_diffraction_shell.num_structure_factors     163 
_em_diffraction_shell.phase_residual            0.01 
# 
_em_diffraction_stats.id                               1 
_em_diffraction_stats.details                          ? 
_em_diffraction_stats.image_processing_id              1 
_em_diffraction_stats.fourier_space_coverage           85.4 
_em_diffraction_stats.high_resolution                  1.40 
_em_diffraction_stats.num_intensities_measured         47598 
_em_diffraction_stats.num_structure_factors            2355 
_em_diffraction_stats.overall_phase_error              0 
_em_diffraction_stats.overall_phase_residual           0.01 
_em_diffraction_stats.phase_error_rejection_criteria   0 
_em_diffraction_stats.r_merge                          0.240 
_em_diffraction_stats.r_sym                            0.240 
# 
_em_entity_assembly_molwt.entity_assembly_id   1 
_em_entity_assembly_molwt.id                   1 
_em_entity_assembly_molwt.experimental_flag    NO 
_em_entity_assembly_molwt.units                ? 
_em_entity_assembly_molwt.value                ? 
# 
_em_entity_assembly_naturalsource.id                   1 
_em_entity_assembly_naturalsource.entity_assembly_id   1 
_em_entity_assembly_naturalsource.cell                 ? 
_em_entity_assembly_naturalsource.cellular_location    ? 
_em_entity_assembly_naturalsource.ncbi_tax_id          9606 
_em_entity_assembly_naturalsource.organ                ? 
_em_entity_assembly_naturalsource.organelle            ? 
_em_entity_assembly_naturalsource.organism             'Homo sapiens' 
_em_entity_assembly_naturalsource.strain               ? 
_em_entity_assembly_naturalsource.tissue               ? 
# 
_em_image_processing.id                   1 
_em_image_processing.image_recording_id   1 
_em_image_processing.details              ? 
# 
_em_image_recording.id                            1 
_em_image_recording.imaging_id                    1 
_em_image_recording.avg_electron_dose_per_image   0.03 
_em_image_recording.average_exposure_time         ? 
_em_image_recording.details                       ? 
_em_image_recording.detector_mode                 ? 
_em_image_recording.film_or_detector_model        'TVIPS TEMCAM-F416 (4k x 4k)' 
_em_image_recording.num_diffraction_images        1331 
_em_image_recording.num_grids_imaged              ? 
_em_image_recording.num_real_images               ? 
# 
_em_imaging_optics.id                         1 
_em_imaging_optics.imaging_id                 1 
_em_imaging_optics.chr_aberration_corrector   ? 
_em_imaging_optics.energyfilter_lower         ? 
_em_imaging_optics.energyfilter_name          ? 
_em_imaging_optics.energyfilter_upper         ? 
_em_imaging_optics.energyfilter_slit_width    ? 
_em_imaging_optics.phase_plate                ? 
_em_imaging_optics.sph_aberration_corrector   ? 
# 
loop_
_em_software.id 
_em_software.category 
_em_software.details 
_em_software.name 
_em_software.version 
_em_software.image_processing_id 
_em_software.fitting_id 
_em_software.imaging_id 
1  'IMAGE ACQUISITION'             ? ?      ? ? ? 1 
2  MASKING                         ? ?      ? ? ? ? 
3  'CTF CORRECTION'                ? ?      ? 1 ? ? 
4  'LAYERLINE INDEXING'            ? ?      ? ? ? ? 
5  'DIFFRACTION INDEXING'          ? ?      ? ? ? ? 
6  'MODEL FITTING'                 ? Coot   ? ? 1 ? 
7  OTHER                           ? ?      ? ? ? ? 
8  'MOLECULAR REPLACEMENT'         ? ?      ? 1 ? ? 
9  'LATTICE DISTORTION CORRECTION' ? ?      ? 1 ? ? 
10 'SYMMETRY DETERMINATION'        ? ?      ? 1 ? ? 
11 'CRYSTALLOGRAPHY MERGING'       ? ?      ? 1 ? ? 
12 RECONSTRUCTION                  ? ?      ? 1 ? ? 
13 'MODEL REFINEMENT'              ? PHENIX ? ? 1 ? 
# 
_em_specimen.id                      1 
_em_specimen.experiment_id           1 
_em_specimen.concentration           7.5 
_em_specimen.details                 nanocrystals 
_em_specimen.embedding_applied       NO 
_em_specimen.shadowing_applied       NO 
_em_specimen.staining_applied        NO 
_em_specimen.vitrification_applied   YES 
# 
_pdbx_audit_support.funding_organization   'National Institutes of Health/National Human Genome Research Institute (NIH/NHGRI)' 
_pdbx_audit_support.country                'United States' 
_pdbx_audit_support.grant_number           'R01 AG029430' 
_pdbx_audit_support.ordinal                1 
# 
_pdbx_initial_refinement_model.id               1 
_pdbx_initial_refinement_model.entity_id_list   ? 
_pdbx_initial_refinement_model.type             'experimental model' 
_pdbx_initial_refinement_model.source_name      PDB 
_pdbx_initial_refinement_model.accession_code   2Y2A 
_pdbx_initial_refinement_model.details          'PDB entry 2Y2A' 
# 
_atom_sites.entry_id                    6O4J 
_atom_sites.fract_transf_matrix[1][1]   0.00383490 
_atom_sites.fract_transf_matrix[1][2]   -0.08619347 
_atom_sites.fract_transf_matrix[1][3]   0.03713599 
_atom_sites.fract_transf_matrix[2][1]   0.01499830 
_atom_sites.fract_transf_matrix[2][2]   0.00534022 
_atom_sites.fract_transf_matrix[2][3]   0.01084595 
_atom_sites.fract_transf_matrix[3][1]   -0.04764107 
_atom_sites.fract_transf_matrix[3][2]   -0.00996801 
_atom_sites.fract_transf_matrix[3][3]   0.07078828 
_atom_sites.fract_transf_vector[1]      0.519726 
_atom_sites.fract_transf_vector[2]      0.011571 
_atom_sites.fract_transf_vector[3]      1.161053 
# 
loop_
_atom_type.symbol 
C 
N 
O 
# 
loop_
_atom_site.group_PDB 
_atom_site.id 
_atom_site.type_symbol 
_atom_site.label_atom_id 
_atom_site.label_alt_id 
_atom_site.label_comp_id 
_atom_site.label_asym_id 
_atom_site.label_entity_id 
_atom_site.label_seq_id 
_atom_site.pdbx_PDB_ins_code 
_atom_site.Cartn_x 
_atom_site.Cartn_y 
_atom_site.Cartn_z 
_atom_site.occupancy 
_atom_site.B_iso_or_equiv 
_atom_site.pdbx_formal_charge 
_atom_site.auth_seq_id 
_atom_site.auth_comp_id 
_atom_site.auth_asym_id 
_atom_site.auth_atom_id 
_atom_site.pdbx_PDB_model_num 
HETATM 1   C C   . ACE A 1 1  ? 10.290  -2.084  0.957  1.00 11.66 ? 15 ACE A C   1 
HETATM 2   O O   . ACE A 1 1  ? 9.843   -3.181  1.262  1.00 14.02 ? 15 ACE A O   1 
HETATM 3   C CH3 . ACE A 1 1  ? 11.649  -1.968  0.275  1.00 7.84  ? 15 ACE A CH3 1 
ATOM   4   N N   . LYS A 1 2  ? 9.639   -0.958  1.205  1.00 10.98 ? 16 LYS A N   1 
ATOM   5   C CA  . LYS A 1 2  ? 8.316   -0.974  1.793  1.00 7.68  ? 16 LYS A CA  1 
ATOM   6   C C   . LYS A 1 2  ? 7.428   0.034   1.065  1.00 9.98  ? 16 LYS A C   1 
ATOM   7   O O   . LYS A 1 2  ? 7.860   1.143   0.732  1.00 4.40  ? 16 LYS A O   1 
ATOM   8   C CB  . LYS A 1 2  ? 8.392   -0.667  3.285  1.00 8.36  ? 16 LYS A CB  1 
ATOM   9   C CG  . LYS A 1 2  ? 7.039   -0.689  3.981  1.00 15.83 ? 16 LYS A CG  1 
ATOM   10  C CD  . LYS A 1 2  ? 7.176   -0.494  5.478  1.00 18.85 ? 16 LYS A CD  1 
ATOM   11  C CE  . LYS A 1 2  ? 6.950   -1.807  6.220  1.00 23.08 ? 16 LYS A CE  1 
ATOM   12  N NZ  . LYS A 1 2  ? 7.191   -1.696  7.695  1.00 19.14 ? 16 LYS A NZ  1 
ATOM   13  N N   . LEU A 1 3  ? 6.186   -0.360  0.829  1.00 4.64  ? 17 LEU A N   1 
ATOM   14  C CA  . LEU A 1 3  ? 5.248   0.437   0.057  1.00 3.70  ? 17 LEU A CA  1 
ATOM   15  C C   . LEU A 1 3  ? 3.853   0.252   0.626  1.00 2.41  ? 17 LEU A C   1 
ATOM   16  O O   . LEU A 1 3  ? 3.431   -0.868  0.865  1.00 3.40  ? 17 LEU A O   1 
ATOM   17  C CB  . LEU A 1 3  ? 5.321   0.004   -1.401 1.00 13.62 ? 17 LEU A CB  1 
ATOM   18  C CG  . LEU A 1 3  ? 4.290   0.314   -2.470 1.00 18.81 ? 17 LEU A CG  1 
ATOM   19  C CD1 . LEU A 1 3  ? 5.004   0.118   -3.802 1.00 8.01  ? 17 LEU A CD1 1 
ATOM   20  C CD2 . LEU A 1 3  ? 3.056   -0.596  -2.360 1.00 13.89 ? 17 LEU A CD2 1 
ATOM   21  N N   . VAL A 1 4  ? 3.136   1.340   0.853  1.00 3.99  ? 18 VAL A N   1 
ATOM   22  C CA  . VAL A 1 4  ? 1.784   1.219   1.368  1.00 5.10  ? 18 VAL A CA  1 
ATOM   23  C C   . VAL A 1 4  ? 0.878   2.162   0.578  1.00 2.35  ? 18 VAL A C   1 
ATOM   24  O O   . VAL A 1 4  ? 1.212   3.333   0.346  1.00 3.62  ? 18 VAL A O   1 
ATOM   25  C CB  . VAL A 1 4  ? 1.727   1.492   2.900  1.00 5.06  ? 18 VAL A CB  1 
ATOM   26  C CG1 . VAL A 1 4  ? 2.218   2.870   3.228  1.00 11.37 ? 18 VAL A CG1 1 
ATOM   27  C CG2 . VAL A 1 4  ? 0.306   1.267   3.463  1.00 9.76  ? 18 VAL A CG2 1 
ATOM   28  N N   . PHE A 1 5  ? -0.246  1.623   0.124  1.00 3.11  ? 19 PHE A N   1 
ATOM   29  C CA  . PHE A 1 5  ? -1.239  2.378   -0.615 1.00 2.04  ? 19 PHE A CA  1 
ATOM   30  C C   . PHE A 1 5  ? -2.591  2.255   0.089  1.00 3.21  ? 19 PHE A C   1 
ATOM   31  O O   . PHE A 1 5  ? -3.009  1.151   0.441  1.00 5.37  ? 19 PHE A O   1 
ATOM   32  C CB  . PHE A 1 5  ? -1.337  1.884   -2.056 1.00 4.26  ? 19 PHE A CB  1 
ATOM   33  C CG  . PHE A 1 5  ? -2.404  2.581   -2.844 1.00 4.12  ? 19 PHE A CG  1 
ATOM   34  C CD1 . PHE A 1 5  ? -3.705  2.082   -2.863 1.00 7.14  ? 19 PHE A CD1 1 
ATOM   35  C CD2 . PHE A 1 5  ? -2.123  3.752   -3.538 1.00 6.16  ? 19 PHE A CD2 1 
ATOM   36  C CE1 . PHE A 1 5  ? -4.706  2.731   -3.567 1.00 8.95  ? 19 PHE A CE1 1 
ATOM   37  C CE2 . PHE A 1 5  ? -3.119  4.409   -4.259 1.00 6.91  ? 19 PHE A CE2 1 
ATOM   38  C CZ  . PHE A 1 5  ? -4.412  3.891   -4.265 1.00 5.99  ? 19 PHE A CZ  1 
ATOM   39  N N   . PHE A 1 6  ? -3.283  3.362   0.284  1.00 3.82  ? 20 PHE A N   1 
ATOM   40  C CA  . PHE A 1 6  ? -4.601  3.288   0.876  1.00 3.93  ? 20 PHE A CA  1 
ATOM   41  C C   . PHE A 1 6  ? -5.502  4.301   0.189  1.00 3.18  ? 20 PHE A C   1 
ATOM   42  O O   . PHE A 1 6  ? -5.117  5.452   -0.004 1.00 3.96  ? 20 PHE A O   1 
ATOM   43  C CB  . PHE A 1 6  ? -4.527  3.542   2.376  1.00 4.62  ? 20 PHE A CB  1 
ATOM   44  C CG  . PHE A 1 6  ? -5.856  3.622   3.037  1.00 3.75  ? 20 PHE A CG  1 
ATOM   45  C CD1 . PHE A 1 6  ? -6.571  2.469   3.319  1.00 6.88  ? 20 PHE A CD1 1 
ATOM   46  C CD2 . PHE A 1 6  ? -6.406  4.853   3.350  1.00 5.42  ? 20 PHE A CD2 1 
ATOM   47  C CE1 . PHE A 1 6  ? -7.816  2.552   3.922  1.00 5.77  ? 20 PHE A CE1 1 
ATOM   48  C CE2 . PHE A 1 6  ? -7.648  4.935   3.958  1.00 7.54  ? 20 PHE A CE2 1 
ATOM   49  C CZ  . PHE A 1 6  ? -8.353  3.786   4.237  1.00 7.04  ? 20 PHE A CZ  1 
ATOM   50  N N   . ALA A 1 7  ? -6.691  3.871   -0.195 1.00 3.03  ? 21 ALA A N   1 
ATOM   51  C CA  . ALA A 1 7  ? -7.657  4.767   -0.817 1.00 5.04  ? 21 ALA A CA  1 
ATOM   52  C C   . ALA A 1 7  ? -9.061  4.499   -0.310 1.00 5.88  ? 21 ALA A C   1 
ATOM   53  O O   . ALA A 1 7  ? -9.433  3.362   -0.052 1.00 10.26 ? 21 ALA A O   1 
ATOM   54  C CB  . ALA A 1 7  ? -7.611  4.629   -2.324 1.00 6.14  ? 21 ALA A CB  1 
ATOM   55  N N   . GLU A 1 8  ? -9.841  5.554   -0.164 1.00 7.16  ? 22 GLU A N   1 
ATOM   56  C CA  . GLU A 1 8  ? -11.196 5.402   0.310  1.00 9.27  ? 22 GLU A CA  1 
ATOM   57  C C   . GLU A 1 8  ? -12.005 6.492   -0.334 1.00 9.80  ? 22 GLU A C   1 
ATOM   58  O O   . GLU A 1 8  ? -11.514 7.605   -0.521 1.00 12.80 ? 22 GLU A O   1 
ATOM   59  C CB  . GLU A 1 8  ? -11.259 5.488   1.837  1.00 10.73 ? 22 GLU A CB  1 
ATOM   60  C CG  . GLU A 1 8  ? -12.674 5.429   2.422  1.00 17.00 ? 22 GLU A CG  1 
ATOM   61  C CD  . GLU A 1 8  ? -13.316 4.051   2.319  1.00 13.63 ? 22 GLU A CD  1 
ATOM   62  O OE1 . GLU A 1 8  ? -13.721 3.676   1.198  1.00 16.48 ? 22 GLU A OE1 1 
ATOM   63  O OE2 . GLU A 1 8  ? -13.438 3.365   3.362  1.00 15.38 ? 22 GLU A OE2 1 
ATOM   64  N N   . ASN A 1 9  ? -13.242 6.180   -0.679 1.00 8.03  ? 23 ASN A N   1 
ATOM   65  C CA  . ASN A 1 9  ? -14.117 7.174   -1.252 1.00 8.51  ? 23 ASN A CA  1 
ATOM   66  C C   . ASN A 1 9  ? -15.432 7.201   -0.484 1.00 10.49 ? 23 ASN A C   1 
ATOM   67  O O   . ASN A 1 9  ? -16.296 6.338   -0.657 1.00 10.82 ? 23 ASN A O   1 
ATOM   68  C CB  . ASN A 1 9  ? -14.333 6.903   -2.741 1.00 8.26  ? 23 ASN A CB  1 
ATOM   69  C CG  . ASN A 1 9  ? -15.016 8.051   -3.447 1.00 9.50  ? 23 ASN A CG  1 
ATOM   70  O OD1 . ASN A 1 9  ? -15.367 9.060   -2.824 1.00 8.57  ? 23 ASN A OD1 1 
ATOM   71  N ND2 . ASN A 1 9  ? -15.205 7.914   -4.755 1.00 11.88 ? 23 ASN A ND2 1 
ATOM   72  N N   . VAL A 1 10 ? -15.549 8.186   0.398  1.00 6.46  ? 24 VAL A N   1 
ATOM   73  C CA  . VAL A 1 10 ? -16.792 8.429   1.106  1.00 9.79  ? 24 VAL A CA  1 
ATOM   74  C C   . VAL A 1 10 ? -17.322 9.812   0.732  1.00 13.61 ? 24 VAL A C   1 
ATOM   75  O O   . VAL A 1 10 ? -18.094 10.416  1.469  1.00 12.59 ? 24 VAL A O   1 
ATOM   76  C CB  . VAL A 1 10 ? -16.617 8.314   2.636  1.00 11.87 ? 24 VAL A CB  1 
ATOM   77  C CG1 . VAL A 1 10 ? -16.233 6.900   3.010  1.00 12.13 ? 24 VAL A CG1 1 
ATOM   78  C CG2 . VAL A 1 10 ? -15.578 9.310   3.142  1.00 10.33 ? 24 VAL A CG2 1 
ATOM   79  N N   . GLY A 1 11 ? -16.918 10.293  -0.439 1.00 14.54 ? 25 GLY A N   1 
ATOM   80  C CA  . GLY A 1 11 ? -17.249 11.639  -0.878 1.00 13.19 ? 25 GLY A CA  1 
ATOM   81  C C   . GLY A 1 11 ? -18.732 11.941  -1.011 1.00 16.88 ? 25 GLY A C   1 
ATOM   82  O O   . GLY A 1 11 ? -19.535 11.062  -1.329 1.00 19.28 ? 25 GLY A O   1 
ATOM   83  N N   . SER A 1 12 ? -19.091 13.195  -0.756 1.00 21.76 ? 26 SER A N   1 
ATOM   84  C CA  . SER A 1 12 ? -20.455 13.680  -0.962 1.00 17.91 ? 26 SER A CA  1 
ATOM   85  C C   . SER A 1 12 ? -20.553 14.353  -2.333 1.00 20.56 ? 26 SER A C   1 
ATOM   86  O O   . SER A 1 12 ? -19.578 14.375  -3.090 1.00 22.78 ? 26 SER A O   1 
ATOM   87  C CB  . SER A 1 12 ? -20.867 14.656  0.151  1.00 15.69 ? 26 SER A CB  1 
ATOM   88  O OG  . SER A 1 12 ? -20.970 14.015  1.413  1.00 17.87 ? 26 SER A OG  1 
HETATM 89  N N   . NH2 A 1 13 ? -21.588 14.902  -2.723 1.00 20.59 ? 27 NH2 A N   1 
HETATM 90  C C   . ACE B 1 1  ? -10.042 0.210   1.202  1.00 7.82  ? 15 ACE B C   1 
HETATM 91  O O   . ACE B 1 1  ? -9.936  -0.955  1.595  1.00 10.20 ? 15 ACE B O   1 
HETATM 92  C CH3 . ACE B 1 1  ? -10.872 1.226   1.970  1.00 10.15 ? 15 ACE B CH3 1 
ATOM   93  N N   . LYS B 1 2  ? -9.488  0.657   0.083  1.00 9.91  ? 16 LYS B N   1 
ATOM   94  C CA  . LYS B 1 2  ? -8.606  -0.164  -0.741 1.00 6.86  ? 16 LYS B CA  1 
ATOM   95  C C   . LYS B 1 2  ? -7.200  -0.075  -0.166 1.00 7.88  ? 16 LYS B C   1 
ATOM   96  O O   . LYS B 1 2  ? -6.635  1.013   -0.100 1.00 6.00  ? 16 LYS B O   1 
ATOM   97  C CB  . LYS B 1 2  ? -8.643  0.319   -2.199 1.00 12.22 ? 16 LYS B CB  1 
ATOM   98  C CG  . LYS B 1 2  ? -7.801  -0.474  -3.190 1.00 13.79 ? 16 LYS B CG  1 
ATOM   99  C CD  . LYS B 1 2  ? -8.314  -1.909  -3.347 1.00 18.79 ? 16 LYS B CD  1 
ATOM   100 C CE  . LYS B 1 2  ? -7.416  -2.753  -4.250 1.00 16.91 ? 16 LYS B CE  1 
ATOM   101 N NZ  . LYS B 1 2  ? -7.410  -2.249  -5.655 1.00 15.90 ? 16 LYS B NZ  1 
ATOM   102 N N   . LEU B 1 3  ? -6.647  -1.198  0.274  1.00 5.61  ? 17 LEU B N   1 
ATOM   103 C CA  . LEU B 1 3  ? -5.342  -1.205  0.933  1.00 8.36  ? 17 LEU B CA  1 
ATOM   104 C C   . LEU B 1 3  ? -4.411  -2.136  0.181  1.00 6.06  ? 17 LEU B C   1 
ATOM   105 O O   . LEU B 1 3  ? -4.775  -3.275  -0.108 1.00 7.71  ? 17 LEU B O   1 
ATOM   106 C CB  . LEU B 1 3  ? -5.481  -1.641  2.399  1.00 8.31  ? 17 LEU B CB  1 
ATOM   107 C CG  . LEU B 1 3  ? -4.313  -1.561  3.396  1.00 9.54  ? 17 LEU B CG  1 
ATOM   108 C CD1 . LEU B 1 3  ? -3.329  -2.705  3.254  1.00 10.25 ? 17 LEU B CD1 1 
ATOM   109 C CD2 . LEU B 1 3  ? -3.590  -0.225  3.363  1.00 13.04 ? 17 LEU B CD2 1 
ATOM   110 N N   . VAL B 1 4  ? -3.226  -1.664  -0.184 1.00 3.57  ? 18 VAL B N   1 
ATOM   111 C CA  . VAL B 1 4  ? -2.226  -2.557  -0.769 1.00 5.97  ? 18 VAL B CA  1 
ATOM   112 C C   . VAL B 1 4  ? -0.892  -2.323  -0.083 1.00 3.96  ? 18 VAL B C   1 
ATOM   113 O O   . VAL B 1 4  ? -0.420  -1.190  -0.025 1.00 3.93  ? 18 VAL B O   1 
ATOM   114 C CB  . VAL B 1 4  ? -2.052  -2.357  -2.281 1.00 3.69  ? 18 VAL B CB  1 
ATOM   115 C CG1 . VAL B 1 4  ? -1.057  -3.386  -2.839 1.00 7.07  ? 18 VAL B CG1 1 
ATOM   116 C CG2 . VAL B 1 4  ? -3.397  -2.450  -2.989 1.00 6.54  ? 18 VAL B CG2 1 
ATOM   117 N N   . PHE B 1 5  ? -0.286  -3.396  0.410  1.00 1.53  ? 19 PHE B N   1 
ATOM   118 C CA  . PHE B 1 5  ? 0.948   -3.305  1.163  1.00 3.09  ? 19 PHE B CA  1 
ATOM   119 C C   . PHE B 1 5  ? 1.957   -4.276  0.578  1.00 3.02  ? 19 PHE B C   1 
ATOM   120 O O   . PHE B 1 5  ? 1.609   -5.402  0.255  1.00 3.28  ? 19 PHE B O   1 
ATOM   121 C CB  . PHE B 1 5  ? 0.722   -3.608  2.646  1.00 3.59  ? 19 PHE B CB  1 
ATOM   122 C CG  . PHE B 1 5  ? 2.000   -3.696  3.426  1.00 2.34  ? 19 PHE B CG  1 
ATOM   123 C CD1 . PHE B 1 5  ? 2.708   -2.550  3.729  1.00 5.98  ? 19 PHE B CD1 1 
ATOM   124 C CD2 . PHE B 1 5  ? 2.525   -4.926  3.801  1.00 2.66  ? 19 PHE B CD2 1 
ATOM   125 C CE1 . PHE B 1 5  ? 3.908   -2.614  4.422  1.00 11.66 ? 19 PHE B CE1 1 
ATOM   126 C CE2 . PHE B 1 5  ? 3.732   -4.996  4.496  1.00 14.30 ? 19 PHE B CE2 1 
ATOM   127 C CZ  . PHE B 1 5  ? 4.421   -3.834  4.804  1.00 8.41  ? 19 PHE B CZ  1 
ATOM   128 N N   . PHE B 1 6  ? 3.200   -3.835  0.445  1.00 1.47  ? 20 PHE B N   1 
ATOM   129 C CA  . PHE B 1 6  ? 4.245   -4.722  -0.019 1.00 2.33  ? 20 PHE B CA  1 
ATOM   130 C C   . PHE B 1 6  ? 5.542   -4.392  0.673  1.00 3.15  ? 20 PHE B C   1 
ATOM   131 O O   . PHE B 1 6  ? 5.932   -3.246  0.735  1.00 1.60  ? 20 PHE B O   1 
ATOM   132 C CB  . PHE B 1 6  ? 4.421   -4.614  -1.524 1.00 2.11  ? 20 PHE B CB  1 
ATOM   133 C CG  . PHE B 1 6  ? 5.495   -5.496  -2.059 1.00 4.50  ? 20 PHE B CG  1 
ATOM   134 C CD1 . PHE B 1 6  ? 5.373   -6.870  -1.974 1.00 6.06  ? 20 PHE B CD1 1 
ATOM   135 C CD2 . PHE B 1 6  ? 6.624   -4.954  -2.649 1.00 4.46  ? 20 PHE B CD2 1 
ATOM   136 C CE1 . PHE B 1 6  ? 6.363   -7.710  -2.473 1.00 6.27  ? 20 PHE B CE1 1 
ATOM   137 C CE2 . PHE B 1 6  ? 7.622   -5.794  -3.165 1.00 7.36  ? 20 PHE B CE2 1 
ATOM   138 C CZ  . PHE B 1 6  ? 7.492   -7.173  -3.058 1.00 7.66  ? 20 PHE B CZ  1 
ATOM   139 N N   . ALA B 1 7  ? 6.231   -5.404  1.174  1.00 4.55  ? 21 ALA B N   1 
ATOM   140 C CA  . ALA B 1 7  ? 7.504   -5.172  1.831  1.00 5.66  ? 21 ALA B CA  1 
ATOM   141 C C   . ALA B 1 7  ? 8.456   -6.249  1.380  1.00 4.68  ? 21 ALA B C   1 
ATOM   142 O O   . ALA B 1 7  ? 8.049   -7.389  1.169  1.00 4.01  ? 21 ALA B O   1 
ATOM   143 C CB  . ALA B 1 7  ? 7.352   -5.174  3.322  1.00 7.91  ? 21 ALA B CB  1 
ATOM   144 N N   . GLU B 1 8  ? 9.711   -5.879  1.210  1.00 7.09  ? 22 GLU B N   1 
ATOM   145 C CA  . GLU B 1 8  ? 10.686  -6.837  0.739  1.00 6.88  ? 22 GLU B CA  1 
ATOM   146 C C   . GLU B 1 8  ? 12.058  -6.523  1.270  1.00 6.38  ? 22 GLU B C   1 
ATOM   147 O O   . GLU B 1 8  ? 12.458  -5.378  1.374  1.00 7.24  ? 22 GLU B O   1 
ATOM   148 C CB  . GLU B 1 8  ? 10.703  -6.891  -0.786 1.00 8.81  ? 22 GLU B CB  1 
ATOM   149 C CG  . GLU B 1 8  ? 11.280  -5.681  -1.490 1.00 13.32 ? 22 GLU B CG  1 
ATOM   150 C CD  . GLU B 1 8  ? 10.301  -4.530  -1.619 1.00 19.51 ? 22 GLU B CD  1 
ATOM   151 O OE1 . GLU B 1 8  ? 9.232   -4.570  -0.969 1.00 15.63 ? 22 GLU B OE1 1 
ATOM   152 O OE2 . GLU B 1 8  ? 10.581  -3.589  -2.400 1.00 18.69 ? 22 GLU B OE2 1 
ATOM   153 N N   . ASN B 1 9  ? 12.783  -7.572  1.611  1.00 7.92  ? 23 ASN B N   1 
ATOM   154 C CA  . ASN B 1 9  ? 14.144  -7.441  2.069  1.00 9.99  ? 23 ASN B CA  1 
ATOM   155 C C   . ASN B 1 9  ? 14.908  -8.570  1.448  1.00 8.18  ? 23 ASN B C   1 
ATOM   156 O O   . ASN B 1 9  ? 14.982  -9.668  2.005  1.00 10.65 ? 23 ASN B O   1 
ATOM   157 C CB  . ASN B 1 9  ? 14.226  -7.495  3.592  1.00 12.81 ? 23 ASN B CB  1 
ATOM   158 C CG  . ASN B 1 9  ? 15.597  -7.120  4.111  1.00 11.29 ? 23 ASN B CG  1 
ATOM   159 O OD1 . ASN B 1 9  ? 16.568  -7.095  3.361  1.00 17.38 ? 23 ASN B OD1 1 
ATOM   160 N ND2 . ASN B 1 9  ? 15.681  -6.821  5.407  1.00 18.43 ? 23 ASN B ND2 1 
ATOM   161 N N   . VAL B 1 10 ? 15.441  -8.315  0.268  1.00 7.61  ? 24 VAL B N   1 
ATOM   162 C CA  . VAL B 1 10 ? 16.154  -9.334  -0.466 1.00 10.28 ? 24 VAL B CA  1 
ATOM   163 C C   . VAL B 1 10 ? 17.439  -8.724  -0.994 1.00 12.38 ? 24 VAL B C   1 
ATOM   164 O O   . VAL B 1 10 ? 17.435  -7.673  -1.643 1.00 13.94 ? 24 VAL B O   1 
ATOM   165 C CB  . VAL B 1 10 ? 15.291  -9.929  -1.602 1.00 13.95 ? 24 VAL B CB  1 
ATOM   166 C CG1 . VAL B 1 10 ? 14.704  -8.852  -2.442 1.00 19.94 ? 24 VAL B CG1 1 
ATOM   167 C CG2 . VAL B 1 10 ? 16.106  -10.882 -2.456 1.00 12.65 ? 24 VAL B CG2 1 
ATOM   168 N N   . GLY B 1 11 ? 18.551  -9.369  -0.664 1.00 14.05 ? 25 GLY B N   1 
ATOM   169 C CA  . GLY B 1 11 ? 19.849  -8.894  -1.101 1.00 16.06 ? 25 GLY B CA  1 
ATOM   170 C C   . GLY B 1 11 ? 19.939  -8.919  -2.610 1.00 12.15 ? 25 GLY B C   1 
ATOM   171 O O   . GLY B 1 11 ? 19.520  -9.887  -3.249 1.00 15.11 ? 25 GLY B O   1 
ATOM   172 N N   . SER B 1 12 ? 20.483  -7.857  -3.185 1.00 11.80 ? 26 SER B N   1 
ATOM   173 C CA  . SER B 1 12 ? 20.600  -7.809  -4.627 1.00 10.53 ? 26 SER B CA  1 
ATOM   174 C C   . SER B 1 12 ? 21.932  -7.209  -5.062 1.00 13.00 ? 26 SER B C   1 
ATOM   175 O O   . SER B 1 12 ? 22.570  -6.466  -4.320 1.00 17.67 ? 26 SER B O   1 
ATOM   176 C CB  . SER B 1 12 ? 19.423  -7.033  -5.218 1.00 10.99 ? 26 SER B CB  1 
ATOM   177 O OG  . SER B 1 12 ? 19.170  -5.857  -4.476 1.00 14.76 ? 26 SER B OG  1 
HETATM 178 N N   . NH2 B 1 13 ? 22.410  -7.472  -6.171 1.00 12.73 ? 27 NH2 B N   1 
# 
